data_4C2V
#
_entry.id   4C2V
#
_cell.length_a   46.065
_cell.length_b   68.101
_cell.length_c   117.087
_cell.angle_alpha   90.00
_cell.angle_beta   96.65
_cell.angle_gamma   90.00
#
_symmetry.space_group_name_H-M   'P 1 21 1'
#
loop_
_entity.id
_entity.type
_entity.pdbx_description
1 polymer 'AURORA KINASE B-A'
2 polymer 'INNER CENTROMERE PROTEIN A'
3 non-polymer 2-[5-[[7-[3-[ethyl(2-hydroxyethyl)amino]propoxy]quinazolin-4-yl]amino]-1H-pyrazol-3-yl]-N-(3-fluorophenyl)ethanamide
4 water water
#
loop_
_entity_poly.entity_id
_entity_poly.type
_entity_poly.pdbx_seq_one_letter_code
_entity_poly.pdbx_strand_id
1 'polypeptide(L)'
;QNTALAEMPKRKFTIDDFDIGRPLGKGKFGNVYLAREKQNKFIMALKVLFKSQLEKEGVEHQLRREIEIQSHLRHPNILR
MYNYFHDRKRIYLMLEFAPRGELYKELQKHGRFDEQRSATFMEELADALHYCHERKVIHRDIKPENLLMGYKGELKIADF
GWSVHAPSLRRR(TPO)MCGTLDYLPPEMIEGKTHDEKVDLWCAGVLCYEFLVGMPPFDSPSHTETHRRIVNVDLKFPPF
LSDGSKDLISKLLRYHPPQRLPLKGVMEHPWVKANSRRVLPPVYQSTQS
;
A,B
2 'polypeptide(L)' PIPAWASGNLLTQAIRQQYYKPIDVDRMYGTIDSPKLEELFNKS C,D
#
# COMPACT_ATOMS: atom_id res chain seq x y z
N LYS A 12 -20.73 20.93 18.52
CA LYS A 12 -20.55 19.52 18.98
C LYS A 12 -21.45 19.26 20.20
N PHE A 13 -21.02 18.44 21.18
CA PHE A 13 -21.95 17.98 22.23
C PHE A 13 -22.25 19.01 23.29
N THR A 14 -23.51 19.00 23.75
CA THR A 14 -24.00 19.62 24.92
C THR A 14 -24.83 18.62 25.67
N ILE A 15 -25.09 18.92 26.93
CA ILE A 15 -25.88 18.11 27.84
C ILE A 15 -27.29 17.90 27.23
N ASP A 16 -27.77 18.90 26.49
CA ASP A 16 -29.09 18.80 25.89
C ASP A 16 -29.18 17.71 24.82
N ASP A 17 -28.04 17.17 24.33
CA ASP A 17 -28.07 16.03 23.41
C ASP A 17 -28.30 14.68 24.07
N PHE A 18 -28.51 14.63 25.39
CA PHE A 18 -28.64 13.37 26.12
C PHE A 18 -29.86 13.38 27.00
N ASP A 19 -30.62 12.29 27.00
CA ASP A 19 -31.60 12.01 27.99
C ASP A 19 -30.87 11.46 29.16
N ILE A 20 -31.07 12.06 30.30
CA ILE A 20 -30.54 11.59 31.50
C ILE A 20 -31.43 10.60 32.26
N GLY A 21 -30.91 9.41 32.41
CA GLY A 21 -31.69 8.34 33.05
C GLY A 21 -31.78 8.30 34.54
N ARG A 22 -30.63 8.16 35.22
CA ARG A 22 -30.46 7.94 36.65
C ARG A 22 -28.96 7.87 37.08
N PRO A 23 -28.61 8.14 38.34
CA PRO A 23 -27.23 8.03 38.77
C PRO A 23 -26.77 6.56 38.93
N LEU A 24 -25.51 6.29 38.60
CA LEU A 24 -24.88 4.97 38.66
C LEU A 24 -23.79 4.78 39.71
N GLY A 25 -23.10 5.87 40.05
CA GLY A 25 -21.98 5.79 40.97
C GLY A 25 -21.40 7.17 41.31
N LYS A 26 -20.40 7.13 42.19
CA LYS A 26 -19.65 8.30 42.60
C LYS A 26 -18.35 8.37 41.78
N GLY A 27 -17.24 8.67 42.43
CA GLY A 27 -15.98 8.93 41.75
C GLY A 27 -15.31 10.01 42.56
N LYS A 28 -13.98 10.07 42.43
CA LYS A 28 -13.12 10.88 43.33
C LYS A 28 -13.34 12.38 43.00
N PHE A 29 -13.67 12.60 41.72
CA PHE A 29 -13.90 13.94 41.17
C PHE A 29 -15.41 14.23 40.95
N GLY A 30 -16.24 13.19 40.71
CA GLY A 30 -17.68 13.42 40.40
C GLY A 30 -18.65 12.25 40.11
N ASN A 31 -19.94 12.58 39.93
CA ASN A 31 -21.02 11.57 39.62
C ASN A 31 -21.08 11.02 38.19
N VAL A 32 -21.42 9.72 38.15
CA VAL A 32 -21.77 9.06 36.82
C VAL A 32 -23.26 8.80 36.68
N TYR A 33 -23.84 9.11 35.51
CA TYR A 33 -25.28 8.94 35.17
C TYR A 33 -25.48 7.99 34.02
N LEU A 34 -26.55 7.15 34.07
CA LEU A 34 -26.98 6.48 32.86
C LEU A 34 -27.60 7.50 31.93
N ALA A 35 -27.24 7.48 30.67
CA ALA A 35 -27.68 8.45 29.69
C ALA A 35 -27.95 7.84 28.32
N ARG A 36 -28.78 8.50 27.53
CA ARG A 36 -29.04 8.08 26.17
C ARG A 36 -28.81 9.21 25.19
N GLU A 37 -27.91 9.06 24.27
CA GLU A 37 -27.65 10.06 23.26
C GLU A 37 -28.88 10.09 22.36
N LYS A 38 -29.51 11.24 22.21
CA LYS A 38 -30.84 11.33 21.64
C LYS A 38 -30.86 10.95 20.16
N GLN A 39 -29.85 11.38 19.41
CA GLN A 39 -29.75 11.26 17.96
C GLN A 39 -29.81 9.80 17.53
N ASN A 40 -29.05 8.97 18.27
CA ASN A 40 -28.77 7.56 17.96
C ASN A 40 -29.50 6.64 18.91
N LYS A 41 -30.16 7.15 19.94
CA LYS A 41 -30.80 6.36 20.99
C LYS A 41 -29.76 5.38 21.58
N PHE A 42 -28.53 5.85 21.69
CA PHE A 42 -27.41 4.97 22.13
C PHE A 42 -27.22 5.17 23.62
N ILE A 43 -27.20 4.09 24.40
CA ILE A 43 -27.16 4.11 25.88
C ILE A 43 -25.66 4.11 26.22
N MET A 44 -25.31 5.07 27.07
CA MET A 44 -23.95 5.30 27.55
C MET A 44 -24.02 5.73 29.02
N ALA A 45 -22.88 6.05 29.54
CA ALA A 45 -22.78 6.73 30.86
C ALA A 45 -22.10 8.10 30.69
N LEU A 46 -22.49 9.08 31.55
CA LEU A 46 -21.90 10.41 31.50
C LEU A 46 -21.34 10.71 32.86
N LYS A 47 -20.05 10.89 32.95
CA LYS A 47 -19.40 11.32 34.19
C LYS A 47 -19.40 12.87 34.20
N VAL A 48 -19.95 13.46 35.25
CA VAL A 48 -20.10 14.97 35.30
C VAL A 48 -19.17 15.50 36.34
N LEU A 49 -18.31 16.41 35.96
CA LEU A 49 -17.30 17.00 36.87
C LEU A 49 -17.53 18.50 36.96
N PHE A 50 -17.43 19.06 38.16
CA PHE A 50 -17.55 20.52 38.33
C PHE A 50 -16.24 21.22 38.31
N LYS A 51 -16.16 22.17 37.40
CA LYS A 51 -14.92 22.83 37.18
C LYS A 51 -14.35 23.56 38.40
N SER A 52 -15.17 24.26 39.16
N SER A 52 -15.19 24.31 39.07
CA SER A 52 -14.61 25.03 40.29
CA SER A 52 -14.70 25.06 40.19
C SER A 52 -14.21 24.09 41.46
C SER A 52 -14.13 24.08 41.26
N GLN A 53 -14.86 22.98 41.57
CA GLN A 53 -14.42 22.01 42.56
C GLN A 53 -13.06 21.43 42.21
N LEU A 54 -12.86 21.10 40.95
CA LEU A 54 -11.61 20.53 40.54
C LEU A 54 -10.50 21.50 40.71
N GLU A 55 -10.72 22.79 40.42
CA GLU A 55 -9.68 23.77 40.52
C GLU A 55 -9.36 24.00 41.98
N LYS A 56 -10.35 23.98 42.85
CA LYS A 56 -10.07 24.29 44.24
C LYS A 56 -9.32 23.12 44.90
N GLU A 57 -9.55 21.89 44.43
CA GLU A 57 -8.85 20.69 44.96
C GLU A 57 -7.48 20.59 44.38
N GLY A 58 -7.19 21.37 43.34
CA GLY A 58 -5.89 21.33 42.68
C GLY A 58 -5.58 20.18 41.74
N VAL A 59 -6.65 19.59 41.18
CA VAL A 59 -6.55 18.30 40.47
C VAL A 59 -6.70 18.37 38.95
N GLU A 60 -6.60 19.55 38.37
CA GLU A 60 -6.78 19.70 36.91
C GLU A 60 -5.79 18.86 36.14
N HIS A 61 -4.54 18.88 36.58
CA HIS A 61 -3.50 18.18 35.78
C HIS A 61 -3.66 16.66 35.88
N GLN A 62 -4.03 16.20 37.05
CA GLN A 62 -4.31 14.83 37.30
C GLN A 62 -5.52 14.34 36.43
N LEU A 63 -6.55 15.20 36.33
CA LEU A 63 -7.72 14.79 35.63
C LEU A 63 -7.35 14.74 34.16
N ARG A 64 -6.62 15.72 33.70
CA ARG A 64 -6.16 15.75 32.35
C ARG A 64 -5.41 14.50 31.92
N ARG A 65 -4.53 14.04 32.81
CA ARG A 65 -3.68 12.87 32.46
C ARG A 65 -4.59 11.65 32.39
N GLU A 66 -5.53 11.53 33.33
CA GLU A 66 -6.48 10.40 33.24
C GLU A 66 -7.28 10.36 31.98
N ILE A 67 -7.81 11.52 31.53
CA ILE A 67 -8.51 11.61 30.29
C ILE A 67 -7.60 11.24 29.14
N GLU A 68 -6.43 11.80 29.08
CA GLU A 68 -5.45 11.49 28.02
C GLU A 68 -5.23 9.99 27.90
N ILE A 69 -5.03 9.34 29.02
CA ILE A 69 -4.76 7.87 28.92
C ILE A 69 -6.04 7.14 28.47
N GLN A 70 -7.19 7.28 29.16
CA GLN A 70 -8.33 6.48 28.88
C GLN A 70 -8.91 6.75 27.49
N SER A 71 -8.84 8.01 27.02
CA SER A 71 -9.50 8.34 25.80
C SER A 71 -8.78 7.79 24.56
N HIS A 72 -7.56 7.30 24.72
CA HIS A 72 -6.78 6.76 23.60
C HIS A 72 -6.66 5.22 23.69
N LEU A 73 -7.37 4.56 24.63
CA LEU A 73 -7.36 3.07 24.68
C LEU A 73 -8.62 2.48 24.10
N ARG A 74 -8.46 1.48 23.21
CA ARG A 74 -9.58 0.81 22.60
C ARG A 74 -9.35 -0.68 22.72
N HIS A 75 -10.06 -1.29 23.67
CA HIS A 75 -9.93 -2.73 23.94
C HIS A 75 -11.25 -3.17 24.49
N PRO A 76 -11.69 -4.45 24.23
CA PRO A 76 -12.97 -4.92 24.68
C PRO A 76 -13.12 -5.04 26.18
N ASN A 77 -11.99 -5.09 26.90
CA ASN A 77 -11.98 -5.24 28.34
C ASN A 77 -11.45 -3.98 29.04
N ILE A 78 -11.51 -2.85 28.32
CA ILE A 78 -11.20 -1.58 28.93
C ILE A 78 -12.41 -0.68 28.65
N LEU A 79 -12.94 -0.07 29.68
CA LEU A 79 -14.12 0.75 29.54
C LEU A 79 -13.76 1.94 28.56
N ARG A 80 -14.54 2.08 27.50
CA ARG A 80 -14.29 3.09 26.47
C ARG A 80 -14.70 4.48 26.91
N MET A 81 -13.87 5.47 26.54
CA MET A 81 -14.28 6.88 26.63
C MET A 81 -14.53 7.29 25.25
N TYR A 82 -15.76 7.52 24.88
CA TYR A 82 -16.13 7.88 23.51
C TYR A 82 -15.67 9.29 23.06
N ASN A 83 -15.88 10.26 23.95
CA ASN A 83 -15.56 11.68 23.67
C ASN A 83 -15.79 12.41 24.99
N TYR A 84 -15.72 13.73 24.99
CA TYR A 84 -15.93 14.51 26.16
C TYR A 84 -16.23 15.95 25.67
N PHE A 85 -16.81 16.73 26.56
CA PHE A 85 -17.28 18.10 26.19
C PHE A 85 -17.33 18.89 27.49
N HIS A 86 -17.56 20.22 27.41
CA HIS A 86 -17.68 21.00 28.60
C HIS A 86 -18.59 22.20 28.32
N ASP A 87 -19.14 22.69 29.40
CA ASP A 87 -19.95 23.96 29.33
C ASP A 87 -19.41 24.92 30.37
N ARG A 88 -20.22 25.92 30.79
CA ARG A 88 -19.70 26.97 31.68
C ARG A 88 -19.22 26.47 32.99
N LYS A 89 -19.87 25.44 33.52
CA LYS A 89 -19.64 24.97 34.87
C LYS A 89 -19.17 23.52 35.00
N ARG A 90 -19.33 22.73 33.93
CA ARG A 90 -19.09 21.28 34.08
C ARG A 90 -18.29 20.75 32.90
N ILE A 91 -17.58 19.64 33.19
CA ILE A 91 -16.93 18.81 32.16
C ILE A 91 -17.68 17.47 32.20
N TYR A 92 -17.90 16.97 30.99
CA TYR A 92 -18.65 15.76 30.77
C TYR A 92 -17.85 14.73 30.00
N LEU A 93 -17.75 13.52 30.58
CA LEU A 93 -17.04 12.42 29.93
C LEU A 93 -18.07 11.40 29.47
N MET A 94 -18.03 11.08 28.16
CA MET A 94 -18.95 10.17 27.54
C MET A 94 -18.25 8.75 27.63
N LEU A 95 -18.87 7.89 28.36
CA LEU A 95 -18.26 6.58 28.71
C LEU A 95 -19.16 5.46 28.29
N GLU A 96 -18.53 4.30 27.98
CA GLU A 96 -19.22 3.06 27.89
C GLU A 96 -20.02 2.74 29.10
N PHE A 97 -21.28 2.33 28.92
CA PHE A 97 -22.08 1.80 29.96
C PHE A 97 -21.80 0.31 30.21
N ALA A 98 -21.63 -0.07 31.48
CA ALA A 98 -21.34 -1.47 31.90
C ALA A 98 -22.54 -2.05 32.54
N PRO A 99 -23.40 -2.75 31.75
CA PRO A 99 -24.71 -3.10 32.31
C PRO A 99 -24.81 -3.95 33.54
N ARG A 100 -23.80 -4.79 33.78
CA ARG A 100 -23.77 -5.58 34.96
C ARG A 100 -23.08 -4.90 36.17
N GLY A 101 -22.54 -3.73 35.96
CA GLY A 101 -22.15 -2.86 37.09
C GLY A 101 -20.84 -3.28 37.75
N GLU A 102 -20.73 -2.98 39.02
CA GLU A 102 -19.46 -3.06 39.77
C GLU A 102 -19.10 -4.49 40.06
N LEU A 103 -17.90 -4.89 39.66
CA LEU A 103 -17.38 -6.22 40.04
C LEU A 103 -17.29 -6.41 41.53
N TYR A 104 -16.94 -5.43 42.30
CA TYR A 104 -16.76 -5.59 43.73
C TYR A 104 -18.08 -6.00 44.40
N LYS A 105 -19.19 -5.45 43.88
CA LYS A 105 -20.50 -5.76 44.45
C LYS A 105 -20.82 -7.22 44.19
N GLU A 106 -20.47 -7.72 43.01
CA GLU A 106 -20.68 -9.09 42.71
C GLU A 106 -19.85 -10.05 43.54
N LEU A 107 -18.55 -9.75 43.77
CA LEU A 107 -17.70 -10.55 44.69
C LEU A 107 -18.24 -10.53 46.11
N GLN A 108 -18.71 -9.40 46.57
CA GLN A 108 -19.23 -9.30 47.94
C GLN A 108 -20.51 -10.08 48.04
N LYS A 109 -21.34 -10.06 47.02
CA LYS A 109 -22.58 -10.85 47.07
C LYS A 109 -22.35 -12.35 47.09
N HIS A 110 -21.38 -12.80 46.30
CA HIS A 110 -21.09 -14.25 46.18
C HIS A 110 -20.11 -14.74 47.16
N GLY A 111 -19.36 -13.89 47.82
CA GLY A 111 -18.29 -14.26 48.72
C GLY A 111 -16.97 -14.56 47.97
N ARG A 112 -17.05 -15.57 47.13
CA ARG A 112 -15.91 -15.90 46.29
C ARG A 112 -16.44 -16.39 44.93
N PHE A 113 -15.62 -16.24 43.89
CA PHE A 113 -15.92 -16.72 42.58
C PHE A 113 -15.39 -18.12 42.37
N ASP A 114 -16.11 -18.86 41.53
CA ASP A 114 -15.60 -20.14 41.13
C ASP A 114 -14.47 -20.12 40.17
N GLU A 115 -13.86 -21.22 39.87
CA GLU A 115 -12.71 -21.23 39.00
C GLU A 115 -13.04 -20.77 37.60
N GLN A 116 -14.19 -21.17 37.01
CA GLN A 116 -14.47 -20.63 35.67
C GLN A 116 -14.61 -19.11 35.61
N ARG A 117 -15.34 -18.55 36.59
CA ARG A 117 -15.55 -17.14 36.55
C ARG A 117 -14.19 -16.40 36.77
N SER A 118 -13.39 -16.87 37.68
CA SER A 118 -12.08 -16.33 38.05
C SER A 118 -11.17 -16.41 36.83
N ALA A 119 -11.08 -17.57 36.22
CA ALA A 119 -10.13 -17.76 35.07
C ALA A 119 -10.49 -16.88 33.92
N THR A 120 -11.81 -16.80 33.70
CA THR A 120 -12.31 -15.90 32.68
C THR A 120 -11.88 -14.47 32.85
N PHE A 121 -12.13 -13.97 34.04
CA PHE A 121 -11.73 -12.64 34.40
C PHE A 121 -10.21 -12.45 34.26
N MET A 122 -9.37 -13.43 34.63
CA MET A 122 -7.95 -13.35 34.48
C MET A 122 -7.50 -13.24 33.05
N GLU A 123 -8.12 -14.01 32.16
CA GLU A 123 -7.75 -13.96 30.75
C GLU A 123 -8.07 -12.53 30.22
N GLU A 124 -9.24 -12.00 30.54
CA GLU A 124 -9.65 -10.68 30.16
C GLU A 124 -8.69 -9.59 30.71
N LEU A 125 -8.40 -9.67 31.97
CA LEU A 125 -7.48 -8.77 32.64
C LEU A 125 -6.14 -8.79 31.96
N ALA A 126 -5.55 -9.99 31.77
CA ALA A 126 -4.25 -10.10 31.19
C ALA A 126 -4.18 -9.55 29.79
N ASP A 127 -5.24 -9.74 29.00
CA ASP A 127 -5.35 -9.21 27.60
C ASP A 127 -5.41 -7.67 27.64
N ALA A 128 -6.22 -7.11 28.50
CA ALA A 128 -6.30 -5.69 28.66
C ALA A 128 -5.00 -5.05 29.13
N LEU A 129 -4.37 -5.64 30.10
CA LEU A 129 -3.14 -5.17 30.62
C LEU A 129 -2.01 -5.27 29.59
N HIS A 130 -2.01 -6.34 28.81
CA HIS A 130 -0.98 -6.52 27.77
C HIS A 130 -1.16 -5.37 26.73
N TYR A 131 -2.40 -5.06 26.36
CA TYR A 131 -2.75 -3.92 25.46
C TYR A 131 -2.12 -2.63 26.03
N CYS A 132 -2.33 -2.43 27.34
CA CYS A 132 -1.74 -1.28 27.99
C CYS A 132 -0.23 -1.25 27.95
N HIS A 133 0.42 -2.34 28.30
CA HIS A 133 1.85 -2.42 28.38
C HIS A 133 2.49 -2.25 27.01
N GLU A 134 1.83 -2.76 25.98
CA GLU A 134 2.40 -2.55 24.60
C GLU A 134 2.50 -1.11 24.25
N ARG A 135 1.78 -0.24 24.95
CA ARG A 135 1.71 1.21 24.77
C ARG A 135 2.42 1.94 25.90
N LYS A 136 3.14 1.20 26.72
CA LYS A 136 3.91 1.77 27.83
C LYS A 136 3.02 2.48 28.87
N VAL A 137 1.77 2.05 29.00
CA VAL A 137 0.86 2.47 30.09
C VAL A 137 0.91 1.45 31.20
N ILE A 138 1.17 1.90 32.42
CA ILE A 138 1.11 1.07 33.62
C ILE A 138 -0.18 1.49 34.31
N HIS A 139 -0.96 0.51 34.79
CA HIS A 139 -2.20 0.75 35.45
C HIS A 139 -2.06 1.20 36.90
N ARG A 140 -1.42 0.35 37.70
CA ARG A 140 -0.99 0.65 39.07
C ARG A 140 -2.04 0.57 40.11
N ASP A 141 -3.25 0.20 39.83
CA ASP A 141 -4.26 0.06 40.90
C ASP A 141 -5.30 -0.95 40.49
N ILE A 142 -4.84 -2.08 39.99
CA ILE A 142 -5.77 -3.15 39.75
C ILE A 142 -6.29 -3.75 41.06
N LYS A 143 -7.60 -3.80 41.15
CA LYS A 143 -8.35 -4.34 42.33
C LYS A 143 -9.83 -4.48 41.89
N PRO A 144 -10.63 -5.23 42.60
CA PRO A 144 -12.02 -5.40 42.17
C PRO A 144 -12.81 -4.13 41.99
N GLU A 145 -12.59 -3.16 42.89
CA GLU A 145 -13.32 -1.93 42.88
C GLU A 145 -13.09 -1.09 41.68
N ASN A 146 -12.06 -1.35 40.90
CA ASN A 146 -11.71 -0.60 39.68
C ASN A 146 -12.16 -1.28 38.39
N LEU A 147 -12.98 -2.33 38.55
CA LEU A 147 -13.47 -3.18 37.47
C LEU A 147 -15.00 -3.17 37.44
N LEU A 148 -15.52 -3.14 36.20
CA LEU A 148 -16.94 -3.21 35.89
C LEU A 148 -17.17 -4.43 35.03
N MET A 149 -18.44 -4.74 34.81
CA MET A 149 -18.86 -5.93 34.04
C MET A 149 -19.83 -5.53 32.92
N GLY A 150 -19.55 -6.07 31.73
CA GLY A 150 -20.36 -5.89 30.55
C GLY A 150 -21.62 -6.76 30.53
N TYR A 151 -22.32 -6.61 29.44
CA TYR A 151 -23.61 -7.33 29.26
C TYR A 151 -23.52 -8.84 29.41
N LYS A 152 -22.43 -9.42 28.96
CA LYS A 152 -22.24 -10.84 29.11
C LYS A 152 -21.27 -11.15 30.30
N GLY A 153 -21.10 -10.21 31.20
CA GLY A 153 -20.23 -10.38 32.37
C GLY A 153 -18.75 -10.03 32.10
N GLU A 154 -18.41 -9.59 30.92
CA GLU A 154 -17.02 -9.32 30.60
C GLU A 154 -16.39 -8.30 31.46
N LEU A 155 -15.14 -8.54 31.89
CA LEU A 155 -14.38 -7.54 32.67
C LEU A 155 -14.15 -6.30 31.87
N LYS A 156 -14.27 -5.13 32.53
CA LYS A 156 -13.92 -3.84 32.00
C LYS A 156 -13.09 -3.07 32.99
N ILE A 157 -11.86 -2.81 32.61
CA ILE A 157 -11.01 -1.95 33.47
C ILE A 157 -11.66 -0.54 33.37
N ALA A 158 -12.07 0.04 34.52
CA ALA A 158 -12.87 1.25 34.46
C ALA A 158 -12.18 2.49 34.89
N ASP A 159 -11.30 2.39 35.88
CA ASP A 159 -10.69 3.53 36.60
C ASP A 159 -9.19 3.58 36.32
N PHE A 160 -8.64 4.69 35.83
CA PHE A 160 -7.20 4.86 35.54
C PHE A 160 -6.55 5.99 36.41
N GLY A 161 -7.05 6.08 37.64
CA GLY A 161 -6.65 7.12 38.52
C GLY A 161 -5.17 7.17 38.90
N TRP A 162 -4.49 6.00 39.00
CA TRP A 162 -3.10 5.94 39.30
C TRP A 162 -2.22 5.66 38.05
N SER A 163 -2.83 5.49 36.91
N SER A 163 -2.83 5.50 36.91
CA SER A 163 -2.15 5.08 35.72
CA SER A 163 -2.17 5.12 35.69
C SER A 163 -1.08 6.12 35.27
C SER A 163 -1.16 6.15 35.16
N VAL A 164 -0.12 5.66 34.49
CA VAL A 164 0.96 6.54 33.94
C VAL A 164 1.40 6.01 32.62
N HIS A 165 1.71 6.90 31.70
CA HIS A 165 2.48 6.58 30.50
C HIS A 165 3.95 6.67 30.86
N ALA A 166 4.68 5.55 30.79
CA ALA A 166 6.08 5.48 31.22
C ALA A 166 6.97 4.86 30.17
N PRO A 167 7.29 5.66 29.13
CA PRO A 167 8.01 5.07 28.01
C PRO A 167 9.48 4.74 28.29
N SER A 168 10.07 5.40 29.26
CA SER A 168 11.53 5.12 29.46
C SER A 168 11.98 5.01 30.87
N LEU A 169 11.45 5.85 31.71
CA LEU A 169 11.95 5.99 33.06
C LEU A 169 11.25 5.04 34.05
N ARG A 170 12.03 4.53 35.00
CA ARG A 170 11.41 3.83 36.10
C ARG A 170 10.66 4.84 36.94
N ARG A 171 9.69 4.41 37.74
CA ARG A 171 8.88 5.29 38.57
C ARG A 171 9.18 5.15 40.04
N ARG A 172 8.86 6.20 40.84
CA ARG A 172 9.04 6.14 42.32
C ARG A 172 7.78 6.34 43.09
N MET A 174 4.59 5.96 45.28
CA MET A 174 3.91 4.98 46.01
C MET A 174 2.45 5.14 45.65
N CYS A 175 1.85 4.11 45.09
CA CYS A 175 0.49 4.27 44.75
C CYS A 175 -0.23 2.95 44.70
N GLY A 176 -1.53 3.03 44.74
CA GLY A 176 -2.36 1.81 44.73
C GLY A 176 -3.08 1.68 46.02
N THR A 177 -3.26 0.44 46.46
CA THR A 177 -4.18 0.13 47.51
C THR A 177 -3.41 -0.84 48.42
N LEU A 178 -3.42 -0.66 49.77
CA LEU A 178 -2.68 -1.42 50.78
C LEU A 178 -2.53 -2.88 50.50
N ASP A 179 -3.64 -3.59 50.31
CA ASP A 179 -3.50 -5.04 50.19
C ASP A 179 -2.84 -5.55 48.86
N TYR A 180 -2.84 -4.63 47.93
CA TYR A 180 -2.33 -4.85 46.56
C TYR A 180 -0.94 -4.34 46.30
N LEU A 181 -0.29 -3.66 47.25
CA LEU A 181 0.98 -3.00 46.98
C LEU A 181 2.04 -4.01 46.71
N PRO A 182 2.88 -3.88 45.68
CA PRO A 182 3.96 -4.75 45.49
C PRO A 182 5.13 -4.52 46.45
N PRO A 183 6.00 -5.50 46.66
CA PRO A 183 7.12 -5.29 47.59
C PRO A 183 7.92 -4.06 47.26
N GLU A 184 8.20 -3.84 45.95
CA GLU A 184 9.11 -2.81 45.55
C GLU A 184 8.55 -1.44 45.91
N MET A 185 7.24 -1.27 45.93
CA MET A 185 6.68 -0.01 46.38
C MET A 185 6.92 0.20 47.85
N ILE A 186 6.65 -0.84 48.60
CA ILE A 186 6.78 -0.73 50.05
C ILE A 186 8.22 -0.40 50.42
N GLU A 187 9.15 -1.09 49.79
CA GLU A 187 10.60 -0.87 50.01
C GLU A 187 11.23 0.42 49.47
N GLY A 188 10.48 1.26 48.77
CA GLY A 188 10.98 2.50 48.27
C GLY A 188 11.87 2.34 47.10
N LYS A 189 11.81 1.22 46.39
CA LYS A 189 12.59 1.01 45.17
C LYS A 189 11.91 1.71 43.98
N THR A 190 12.60 1.83 42.87
CA THR A 190 11.92 2.22 41.65
C THR A 190 11.00 1.05 41.20
N HIS A 191 9.99 1.36 40.42
CA HIS A 191 9.06 0.34 39.88
C HIS A 191 8.84 0.51 38.44
N ASP A 192 8.29 -0.55 37.77
CA ASP A 192 8.01 -0.50 36.32
C ASP A 192 6.68 -1.21 36.13
N GLU A 193 6.40 -1.60 34.88
CA GLU A 193 5.13 -2.20 34.55
C GLU A 193 4.87 -3.52 35.27
N LYS A 194 5.93 -4.14 35.77
CA LYS A 194 5.76 -5.39 36.45
C LYS A 194 4.99 -5.25 37.76
N VAL A 195 4.71 -4.04 38.23
CA VAL A 195 3.75 -3.92 39.37
C VAL A 195 2.37 -4.50 39.06
N ASP A 196 1.93 -4.37 37.78
CA ASP A 196 0.62 -4.84 37.36
C ASP A 196 0.54 -6.35 37.39
N LEU A 197 1.66 -7.02 37.11
N LEU A 197 1.65 -7.02 37.14
CA LEU A 197 1.75 -8.50 37.28
CA LEU A 197 1.67 -8.48 37.29
C LEU A 197 1.42 -8.91 38.73
C LEU A 197 1.46 -8.94 38.74
N TRP A 198 2.12 -8.25 39.66
CA TRP A 198 1.88 -8.57 41.09
C TRP A 198 0.43 -8.35 41.43
N CYS A 199 -0.15 -7.24 41.07
CA CYS A 199 -1.53 -6.92 41.44
C CYS A 199 -2.48 -7.94 40.82
N ALA A 200 -2.24 -8.41 39.57
CA ALA A 200 -2.99 -9.49 38.96
C ALA A 200 -3.00 -10.77 39.81
N GLY A 201 -1.85 -11.05 40.38
CA GLY A 201 -1.80 -12.18 41.26
C GLY A 201 -2.59 -12.07 42.55
N VAL A 202 -2.54 -10.91 43.15
CA VAL A 202 -3.35 -10.58 44.33
C VAL A 202 -4.86 -10.70 43.95
N LEU A 203 -5.19 -10.14 42.79
CA LEU A 203 -6.57 -10.20 42.34
C LEU A 203 -7.05 -11.58 42.13
N CYS A 204 -6.28 -12.44 41.45
CA CYS A 204 -6.70 -13.79 41.26
C CYS A 204 -7.00 -14.54 42.64
N TYR A 205 -6.09 -14.32 43.58
CA TYR A 205 -6.31 -14.90 44.96
C TYR A 205 -7.61 -14.33 45.55
N GLU A 206 -7.82 -13.02 45.49
CA GLU A 206 -9.03 -12.43 46.10
C GLU A 206 -10.28 -12.94 45.41
N PHE A 207 -10.25 -13.11 44.10
CA PHE A 207 -11.43 -13.68 43.39
C PHE A 207 -11.76 -15.07 43.89
N LEU A 208 -10.76 -15.92 44.08
CA LEU A 208 -10.95 -17.31 44.50
C LEU A 208 -11.22 -17.46 45.96
N VAL A 209 -10.68 -16.63 46.81
CA VAL A 209 -10.72 -16.82 48.29
C VAL A 209 -11.71 -15.87 48.87
N GLY A 210 -11.92 -14.71 48.31
CA GLY A 210 -12.80 -13.62 48.78
C GLY A 210 -12.13 -12.62 49.73
N MET A 211 -10.87 -12.85 50.08
CA MET A 211 -10.02 -11.93 50.85
C MET A 211 -8.66 -11.87 50.20
N PRO A 212 -7.98 -10.71 50.35
CA PRO A 212 -6.66 -10.69 49.72
C PRO A 212 -5.64 -11.43 50.61
N PRO A 213 -4.54 -11.87 50.04
CA PRO A 213 -3.59 -12.83 50.66
C PRO A 213 -2.87 -12.31 51.89
N PHE A 214 -2.66 -11.02 52.00
CA PHE A 214 -1.82 -10.44 53.05
C PHE A 214 -2.62 -9.69 54.13
N ASP A 215 -3.90 -9.98 54.20
CA ASP A 215 -4.87 -9.30 55.10
C ASP A 215 -4.36 -9.34 56.55
N SER A 216 -4.24 -8.16 57.14
CA SER A 216 -3.93 -8.06 58.58
C SER A 216 -4.57 -6.78 59.15
N PRO A 217 -4.73 -6.70 60.49
CA PRO A 217 -5.29 -5.41 60.98
C PRO A 217 -4.34 -4.25 61.17
N SER A 218 -3.05 -4.50 60.96
CA SER A 218 -2.14 -3.44 61.03
C SER A 218 -1.45 -3.27 59.68
N HIS A 219 -1.36 -2.05 59.22
CA HIS A 219 -0.62 -1.73 58.04
C HIS A 219 0.85 -2.27 58.15
N THR A 220 1.53 -2.18 59.31
CA THR A 220 2.88 -2.76 59.42
C THR A 220 2.92 -4.24 59.18
N GLU A 221 1.98 -5.01 59.70
CA GLU A 221 1.95 -6.39 59.49
C GLU A 221 1.65 -6.73 58.03
N THR A 222 0.73 -5.99 57.40
CA THR A 222 0.43 -6.29 55.99
C THR A 222 1.74 -6.05 55.18
N HIS A 223 2.40 -4.91 55.42
CA HIS A 223 3.62 -4.63 54.66
C HIS A 223 4.63 -5.75 54.91
N ARG A 224 4.79 -6.23 56.15
CA ARG A 224 5.72 -7.32 56.44
C ARG A 224 5.40 -8.58 55.68
N ARG A 225 4.10 -8.93 55.57
CA ARG A 225 3.70 -10.13 54.95
C ARG A 225 4.00 -9.99 53.42
N ILE A 226 3.70 -8.81 52.87
CA ILE A 226 3.97 -8.56 51.45
C ILE A 226 5.44 -8.73 51.11
N VAL A 227 6.33 -8.07 51.84
CA VAL A 227 7.74 -8.10 51.43
C VAL A 227 8.38 -9.46 51.73
N ASN A 228 7.81 -10.28 52.59
CA ASN A 228 8.18 -11.64 52.79
C ASN A 228 7.51 -12.63 51.91
N VAL A 229 6.56 -12.12 51.12
CA VAL A 229 5.70 -12.96 50.29
C VAL A 229 5.16 -14.13 51.11
N ASP A 230 4.47 -13.74 52.23
CA ASP A 230 3.97 -14.73 53.20
C ASP A 230 2.63 -15.29 52.74
N LEU A 231 2.62 -16.04 51.64
CA LEU A 231 1.44 -16.50 51.05
C LEU A 231 1.00 -17.84 51.71
N LYS A 232 -0.23 -17.91 52.18
CA LYS A 232 -0.80 -19.06 52.88
C LYS A 232 -2.10 -19.49 52.10
N PHE A 233 -1.94 -20.48 51.22
CA PHE A 233 -3.02 -20.90 50.42
C PHE A 233 -4.06 -21.72 51.18
N PRO A 234 -5.29 -21.26 51.17
CA PRO A 234 -6.33 -22.21 51.67
C PRO A 234 -6.44 -23.53 50.96
N PRO A 235 -6.85 -24.58 51.70
CA PRO A 235 -6.82 -25.88 51.09
C PRO A 235 -7.80 -26.16 50.01
N PHE A 236 -8.88 -25.36 49.83
CA PHE A 236 -9.89 -25.63 48.77
C PHE A 236 -9.39 -25.30 47.34
N LEU A 237 -8.31 -24.53 47.30
CA LEU A 237 -7.81 -24.05 46.00
C LEU A 237 -7.24 -25.21 45.19
N SER A 238 -7.49 -25.21 43.88
CA SER A 238 -6.88 -26.17 42.99
C SER A 238 -5.38 -25.92 42.80
N ASP A 239 -4.67 -26.97 42.42
CA ASP A 239 -3.26 -26.87 42.13
C ASP A 239 -2.99 -25.89 41.00
N GLY A 240 -3.89 -25.87 40.03
CA GLY A 240 -3.65 -24.94 38.86
C GLY A 240 -3.74 -23.47 39.26
N SER A 241 -4.75 -23.19 40.07
CA SER A 241 -4.96 -21.81 40.51
C SER A 241 -3.79 -21.38 41.35
N LYS A 242 -3.35 -22.23 42.27
CA LYS A 242 -2.17 -21.91 43.09
C LYS A 242 -0.93 -21.72 42.28
N ASP A 243 -0.76 -22.52 41.22
CA ASP A 243 0.36 -22.43 40.39
C ASP A 243 0.41 -21.02 39.72
N LEU A 244 -0.73 -20.57 39.18
CA LEU A 244 -0.77 -19.25 38.56
C LEU A 244 -0.51 -18.15 39.57
N ILE A 245 -1.16 -18.14 40.74
CA ILE A 245 -0.98 -17.12 41.72
C ILE A 245 0.50 -17.09 42.15
N SER A 246 1.04 -18.30 42.43
CA SER A 246 2.45 -18.40 42.86
C SER A 246 3.41 -17.81 41.84
N LYS A 247 3.12 -17.95 40.52
CA LYS A 247 3.98 -17.45 39.51
C LYS A 247 3.90 -15.99 39.26
N LEU A 248 2.77 -15.39 39.68
CA LEU A 248 2.60 -13.95 39.64
C LEU A 248 3.20 -13.22 40.87
N LEU A 249 2.94 -13.80 42.04
CA LEU A 249 3.40 -13.20 43.32
C LEU A 249 4.85 -13.54 43.63
N ARG A 250 5.74 -13.11 42.75
CA ARG A 250 7.18 -13.27 42.98
C ARG A 250 7.72 -12.02 43.60
N TYR A 251 8.63 -12.11 44.57
CA TYR A 251 9.31 -10.97 45.08
C TYR A 251 10.04 -10.19 44.01
N HIS A 252 10.81 -10.88 43.15
CA HIS A 252 11.60 -10.25 42.15
C HIS A 252 10.78 -9.89 40.92
N PRO A 253 10.61 -8.61 40.61
CA PRO A 253 9.77 -8.32 39.43
C PRO A 253 10.08 -9.15 38.14
N PRO A 254 11.41 -9.20 37.80
CA PRO A 254 11.72 -9.92 36.51
C PRO A 254 11.31 -11.37 36.51
N GLN A 255 11.06 -11.99 37.66
CA GLN A 255 10.67 -13.42 37.74
C GLN A 255 9.17 -13.65 37.66
N ARG A 256 8.34 -12.59 37.66
CA ARG A 256 6.91 -12.76 37.56
C ARG A 256 6.51 -13.23 36.18
N LEU A 257 5.49 -14.02 36.16
CA LEU A 257 4.95 -14.58 34.89
C LEU A 257 4.48 -13.45 33.99
N PRO A 258 4.89 -13.40 32.74
CA PRO A 258 4.40 -12.37 31.90
C PRO A 258 2.93 -12.50 31.59
N LEU A 259 2.31 -11.40 31.16
CA LEU A 259 0.88 -11.37 30.87
C LEU A 259 0.54 -12.38 29.75
N LYS A 260 1.39 -12.54 28.75
CA LYS A 260 1.12 -13.61 27.75
C LYS A 260 1.15 -14.96 28.39
N GLY A 261 2.02 -15.07 29.41
CA GLY A 261 2.06 -16.30 30.20
C GLY A 261 0.81 -16.58 30.99
N VAL A 262 0.14 -15.54 31.52
CA VAL A 262 -1.12 -15.74 32.16
C VAL A 262 -2.17 -16.24 31.17
N MET A 263 -2.25 -15.60 30.02
CA MET A 263 -3.24 -15.99 28.95
C MET A 263 -3.01 -17.39 28.48
N GLU A 264 -1.80 -17.87 28.52
CA GLU A 264 -1.42 -19.28 28.07
C GLU A 264 -1.43 -20.27 29.18
N HIS A 265 -1.59 -19.87 30.48
CA HIS A 265 -1.38 -20.78 31.58
C HIS A 265 -2.42 -21.86 31.44
N PRO A 266 -2.04 -23.13 31.67
CA PRO A 266 -3.06 -24.20 31.54
C PRO A 266 -4.30 -24.10 32.35
N TRP A 267 -4.26 -23.56 33.56
CA TRP A 267 -5.43 -23.32 34.37
C TRP A 267 -6.43 -22.31 33.69
N VAL A 268 -5.82 -21.27 33.08
CA VAL A 268 -6.62 -20.35 32.33
C VAL A 268 -7.25 -21.01 31.09
N LYS A 269 -6.46 -21.73 30.37
CA LYS A 269 -6.97 -22.38 29.16
C LYS A 269 -8.11 -23.34 29.56
N ALA A 270 -7.97 -24.13 30.62
CA ALA A 270 -8.90 -25.15 30.99
C ALA A 270 -10.15 -24.62 31.54
N ASN A 271 -10.16 -23.42 32.14
CA ASN A 271 -11.28 -22.93 32.87
C ASN A 271 -11.97 -21.64 32.28
N SER A 272 -11.27 -20.88 31.52
CA SER A 272 -11.83 -19.61 31.01
C SER A 272 -12.92 -19.88 30.01
N ARG A 273 -13.93 -19.13 30.05
CA ARG A 273 -15.06 -19.13 29.01
C ARG A 273 -15.19 -17.73 28.43
N ARG A 274 -14.06 -17.14 28.13
CA ARG A 274 -14.06 -15.78 27.60
C ARG A 274 -14.75 -15.71 26.23
N VAL A 275 -15.59 -14.72 26.05
CA VAL A 275 -16.21 -14.43 24.77
C VAL A 275 -15.97 -12.97 24.40
N LEU A 276 -15.52 -12.69 23.19
CA LEU A 276 -15.33 -11.33 22.78
C LEU A 276 -16.63 -10.75 22.33
N PRO A 277 -16.96 -9.52 22.70
CA PRO A 277 -18.20 -8.94 22.26
C PRO A 277 -18.27 -8.74 20.73
N PRO A 278 -19.54 -8.80 20.18
CA PRO A 278 -19.69 -8.39 18.83
C PRO A 278 -19.18 -6.96 18.53
N VAL A 279 -18.60 -6.82 17.39
CA VAL A 279 -18.10 -5.53 16.93
C VAL A 279 -18.82 -5.05 15.68
N TYR A 280 -18.76 -3.75 15.50
CA TYR A 280 -19.43 -3.15 14.34
C TYR A 280 -18.94 -3.76 13.02
N GLN A 281 -19.91 -4.08 12.16
CA GLN A 281 -19.68 -4.76 10.89
C GLN A 281 -20.16 -3.86 9.73
N SER A 282 -19.27 -3.65 8.74
CA SER A 282 -19.61 -2.91 7.47
C SER A 282 -20.91 -3.41 6.81
N GLN B 1 46.89 -14.51 -51.10
CA GLN B 1 46.21 -15.78 -50.67
C GLN B 1 45.76 -16.60 -51.89
N ASN B 2 45.84 -17.92 -51.77
CA ASN B 2 45.39 -18.86 -52.82
C ASN B 2 43.90 -19.17 -52.58
N THR B 3 43.01 -18.87 -53.53
CA THR B 3 41.56 -19.13 -53.31
C THR B 3 41.19 -20.62 -53.35
N ALA B 4 42.03 -21.43 -53.98
CA ALA B 4 41.88 -22.88 -53.90
C ALA B 4 42.13 -23.39 -52.47
N LEU B 5 42.79 -22.56 -51.66
CA LEU B 5 43.09 -23.00 -50.31
C LEU B 5 42.37 -22.19 -49.24
N ALA B 6 41.63 -21.14 -49.68
CA ALA B 6 40.93 -20.25 -48.75
C ALA B 6 40.01 -21.10 -47.87
N GLU B 7 39.77 -20.62 -46.67
CA GLU B 7 38.75 -21.23 -45.80
C GLU B 7 37.36 -21.17 -46.41
N MET B 8 36.62 -22.29 -46.37
CA MET B 8 35.30 -22.37 -46.87
C MET B 8 34.37 -21.38 -46.13
N PRO B 9 33.49 -20.70 -46.86
CA PRO B 9 32.62 -19.76 -46.10
C PRO B 9 31.52 -20.50 -45.34
N LYS B 10 31.13 -19.84 -44.28
CA LYS B 10 30.00 -20.29 -43.50
C LYS B 10 28.72 -20.07 -44.23
N ARG B 11 27.73 -20.92 -43.89
CA ARG B 11 26.42 -20.87 -44.45
C ARG B 11 25.70 -19.59 -43.94
N LYS B 12 24.93 -19.06 -44.89
CA LYS B 12 24.03 -17.95 -44.63
C LYS B 12 22.59 -18.47 -44.79
N PHE B 13 21.57 -17.68 -44.34
CA PHE B 13 20.21 -18.02 -44.67
C PHE B 13 19.94 -17.85 -46.12
N THR B 14 19.03 -18.62 -46.67
CA THR B 14 18.55 -18.44 -48.03
C THR B 14 17.02 -18.53 -48.02
N ILE B 15 16.35 -18.15 -49.10
CA ILE B 15 14.89 -18.21 -49.18
C ILE B 15 14.33 -19.64 -49.02
N ASP B 16 15.13 -20.66 -49.36
CA ASP B 16 14.73 -22.07 -49.14
C ASP B 16 14.62 -22.45 -47.70
N ASP B 17 15.08 -21.56 -46.82
CA ASP B 17 15.00 -21.84 -45.38
C ASP B 17 13.68 -21.45 -44.82
N PHE B 18 12.72 -21.03 -45.60
CA PHE B 18 11.46 -20.51 -45.10
C PHE B 18 10.25 -21.04 -45.82
N ASP B 19 9.18 -21.31 -45.10
CA ASP B 19 7.85 -21.34 -45.70
C ASP B 19 7.24 -19.97 -45.72
N ILE B 20 6.78 -19.52 -46.90
CA ILE B 20 6.28 -18.18 -47.07
C ILE B 20 4.78 -18.15 -46.94
N GLY B 21 4.23 -17.26 -46.14
CA GLY B 21 2.79 -16.94 -46.18
C GLY B 21 2.53 -15.63 -46.97
N ARG B 22 1.53 -14.93 -46.55
CA ARG B 22 1.11 -13.81 -47.33
C ARG B 22 1.70 -12.49 -46.81
N PRO B 23 1.64 -11.41 -47.62
CA PRO B 23 2.04 -10.10 -47.16
C PRO B 23 1.24 -9.73 -45.92
N LEU B 24 1.85 -8.94 -45.05
CA LEU B 24 1.22 -8.59 -43.78
C LEU B 24 0.22 -7.43 -43.95
N GLY B 25 0.30 -6.76 -45.11
CA GLY B 25 -0.60 -5.63 -45.45
C GLY B 25 -0.60 -5.31 -46.93
N LYS B 26 -1.23 -4.18 -47.30
CA LYS B 26 -1.36 -3.77 -48.71
C LYS B 26 -0.48 -2.53 -49.08
N GLY B 27 0.76 -2.50 -48.59
CA GLY B 27 1.72 -1.42 -48.88
C GLY B 27 1.33 -0.33 -47.91
N LYS B 28 2.15 0.03 -46.92
CA LYS B 28 3.60 -0.19 -46.84
C LYS B 28 4.10 -1.65 -46.74
N PHE B 29 3.27 -2.53 -46.19
CA PHE B 29 3.70 -3.91 -45.91
C PHE B 29 3.27 -5.03 -46.87
N GLY B 30 2.75 -4.89 -48.10
CA GLY B 30 3.47 -4.58 -49.29
C GLY B 30 4.37 -5.79 -49.55
N ASN B 31 5.58 -5.61 -49.05
CA ASN B 31 6.71 -6.41 -49.32
C ASN B 31 7.23 -7.08 -48.00
N VAL B 32 6.39 -7.15 -47.02
CA VAL B 32 6.74 -7.84 -45.72
C VAL B 32 5.83 -9.04 -45.60
N TYR B 33 6.41 -10.24 -45.64
CA TYR B 33 5.60 -11.47 -45.67
C TYR B 33 5.63 -12.19 -44.35
N LEU B 34 4.52 -12.83 -43.97
CA LEU B 34 4.62 -13.78 -42.87
C LEU B 34 5.45 -14.98 -43.36
N ALA B 35 6.30 -15.51 -42.49
CA ALA B 35 7.21 -16.60 -42.85
C ALA B 35 7.48 -17.48 -41.69
N ARG B 36 7.82 -18.72 -41.99
CA ARG B 36 8.12 -19.73 -40.96
C ARG B 36 9.48 -20.27 -41.25
N GLU B 37 10.42 -20.07 -40.35
CA GLU B 37 11.80 -20.57 -40.57
C GLU B 37 11.70 -22.07 -40.31
N LYS B 38 12.15 -22.85 -41.27
CA LYS B 38 11.87 -24.30 -41.23
C LYS B 38 12.48 -25.11 -40.08
N GLN B 39 13.73 -24.85 -39.79
CA GLN B 39 14.50 -25.67 -38.86
C GLN B 39 13.96 -25.52 -37.44
N ASN B 40 13.53 -24.32 -37.10
CA ASN B 40 12.93 -24.09 -35.83
C ASN B 40 11.43 -23.94 -35.84
N LYS B 41 10.72 -24.13 -36.95
CA LYS B 41 9.29 -23.94 -37.06
C LYS B 41 8.88 -22.61 -36.37
N PHE B 42 9.67 -21.60 -36.70
CA PHE B 42 9.66 -20.26 -35.99
C PHE B 42 9.02 -19.21 -36.89
N ILE B 43 7.93 -18.61 -36.46
CA ILE B 43 7.21 -17.61 -37.23
C ILE B 43 7.85 -16.23 -37.07
N MET B 44 8.14 -15.64 -38.21
CA MET B 44 8.78 -14.33 -38.30
C MET B 44 8.24 -13.55 -39.53
N ALA B 45 8.76 -12.37 -39.80
CA ALA B 45 8.40 -11.66 -40.98
C ALA B 45 9.63 -11.56 -41.84
N LEU B 46 9.43 -11.57 -43.15
CA LEU B 46 10.49 -11.46 -44.09
C LEU B 46 10.19 -10.24 -45.00
N LYS B 47 11.01 -9.22 -44.89
CA LYS B 47 10.91 -8.04 -45.79
C LYS B 47 11.80 -8.24 -47.01
N VAL B 48 11.19 -8.10 -48.18
CA VAL B 48 11.82 -8.36 -49.44
C VAL B 48 11.95 -7.04 -50.20
N LEU B 49 13.18 -6.71 -50.48
CA LEU B 49 13.51 -5.46 -51.20
C LEU B 49 14.18 -5.83 -52.53
N PHE B 50 13.77 -5.15 -53.60
CA PHE B 50 14.36 -5.37 -54.96
C PHE B 50 15.46 -4.36 -55.16
N LYS B 51 16.66 -4.86 -55.45
CA LYS B 51 17.88 -4.10 -55.57
C LYS B 51 17.80 -3.01 -56.66
N SER B 52 17.05 -3.32 -57.69
CA SER B 52 16.86 -2.38 -58.80
C SER B 52 16.02 -1.23 -58.36
N GLN B 53 14.91 -1.48 -57.65
CA GLN B 53 14.08 -0.40 -57.09
C GLN B 53 14.85 0.47 -56.11
N LEU B 54 15.67 -0.15 -55.29
CA LEU B 54 16.45 0.67 -54.37
C LEU B 54 17.29 1.70 -55.12
N GLU B 55 18.09 1.27 -56.08
CA GLU B 55 18.93 2.23 -56.81
C GLU B 55 18.06 3.25 -57.59
N LYS B 56 16.95 2.79 -58.18
CA LYS B 56 16.04 3.68 -58.93
C LYS B 56 15.40 4.76 -58.06
N GLU B 57 15.28 4.50 -56.76
CA GLU B 57 14.80 5.55 -55.85
C GLU B 57 15.96 6.27 -55.15
N GLY B 58 17.22 5.91 -55.46
CA GLY B 58 18.39 6.43 -54.73
C GLY B 58 18.29 6.22 -53.21
N VAL B 59 18.04 4.99 -52.78
CA VAL B 59 17.76 4.75 -51.34
C VAL B 59 18.75 3.74 -50.71
N GLU B 60 19.80 3.37 -51.44
CA GLU B 60 20.63 2.23 -51.00
C GLU B 60 21.51 2.58 -49.77
N HIS B 61 21.97 3.83 -49.76
CA HIS B 61 22.72 4.41 -48.65
C HIS B 61 21.82 4.46 -47.39
N GLN B 62 20.59 4.94 -47.48
CA GLN B 62 19.66 4.82 -46.32
C GLN B 62 19.48 3.39 -45.86
N LEU B 63 19.32 2.49 -46.80
CA LEU B 63 19.07 1.09 -46.35
C LEU B 63 20.26 0.52 -45.61
N ARG B 64 21.46 0.76 -46.11
CA ARG B 64 22.66 0.28 -45.53
C ARG B 64 22.78 0.78 -44.10
N ARG B 65 22.55 2.08 -43.92
CA ARG B 65 22.60 2.67 -42.59
C ARG B 65 21.58 2.02 -41.65
N GLU B 66 20.38 1.84 -42.15
CA GLU B 66 19.28 1.24 -41.35
C GLU B 66 19.55 -0.24 -40.94
N ILE B 67 20.05 -1.07 -41.84
CA ILE B 67 20.47 -2.38 -41.48
C ILE B 67 21.61 -2.42 -40.49
N GLU B 68 22.64 -1.58 -40.68
CA GLU B 68 23.77 -1.48 -39.77
C GLU B 68 23.28 -1.19 -38.35
N ILE B 69 22.34 -0.28 -38.25
CA ILE B 69 21.83 0.04 -36.87
C ILE B 69 20.97 -1.07 -36.30
N GLN B 70 19.89 -1.47 -37.00
CA GLN B 70 18.85 -2.33 -36.42
C GLN B 70 19.34 -3.72 -36.14
N SER B 71 20.29 -4.19 -36.95
CA SER B 71 20.85 -5.53 -36.82
C SER B 71 21.53 -5.78 -35.48
N HIS B 72 21.94 -4.70 -34.77
CA HIS B 72 22.64 -4.80 -33.50
C HIS B 72 21.80 -4.51 -32.25
N LEU B 73 20.56 -4.16 -32.44
CA LEU B 73 19.78 -3.80 -31.27
C LEU B 73 18.96 -4.97 -30.78
N ARG B 74 19.12 -5.29 -29.49
CA ARG B 74 18.47 -6.41 -28.92
C ARG B 74 17.80 -5.98 -27.61
N HIS B 75 16.52 -5.61 -27.75
CA HIS B 75 15.77 -5.15 -26.58
C HIS B 75 14.29 -5.58 -26.78
N PRO B 76 13.57 -5.88 -25.72
CA PRO B 76 12.19 -6.39 -25.83
C PRO B 76 11.18 -5.41 -26.43
N ASN B 77 11.56 -4.14 -26.45
CA ASN B 77 10.67 -3.13 -27.02
C ASN B 77 11.23 -2.51 -28.27
N ILE B 78 12.15 -3.22 -28.95
CA ILE B 78 12.71 -2.84 -30.26
C ILE B 78 12.44 -4.01 -31.18
N LEU B 79 11.77 -3.81 -32.29
CA LEU B 79 11.54 -4.85 -33.21
C LEU B 79 12.84 -5.48 -33.69
N ARG B 80 13.05 -6.82 -33.46
CA ARG B 80 14.32 -7.43 -33.75
C ARG B 80 14.51 -7.69 -35.23
N MET B 81 15.75 -7.48 -35.69
CA MET B 81 16.22 -8.05 -36.92
C MET B 81 17.11 -9.20 -36.64
N TYR B 82 16.58 -10.37 -36.92
CA TYR B 82 17.30 -11.66 -36.57
C TYR B 82 18.55 -11.81 -37.43
N ASN B 83 18.45 -11.55 -38.72
CA ASN B 83 19.54 -11.70 -39.70
C ASN B 83 19.03 -11.19 -41.04
N TYR B 84 19.81 -11.37 -42.11
CA TYR B 84 19.46 -10.88 -43.39
C TYR B 84 20.31 -11.64 -44.42
N PHE B 85 19.89 -11.56 -45.67
CA PHE B 85 20.59 -12.28 -46.73
C PHE B 85 20.19 -11.66 -48.03
N HIS B 86 20.83 -12.09 -49.17
CA HIS B 86 20.47 -11.53 -50.45
C HIS B 86 20.73 -12.51 -51.55
N ASP B 87 20.08 -12.22 -52.66
CA ASP B 87 20.45 -12.93 -53.92
C ASP B 87 20.74 -11.87 -55.00
N ARG B 88 20.83 -12.36 -56.24
CA ARG B 88 21.06 -11.44 -57.35
C ARG B 88 20.13 -10.23 -57.39
N LYS B 89 18.84 -10.41 -57.23
CA LYS B 89 17.84 -9.36 -57.41
C LYS B 89 17.32 -8.73 -56.11
N ARG B 90 17.48 -9.43 -54.97
CA ARG B 90 16.66 -9.10 -53.74
C ARG B 90 17.49 -9.11 -52.49
N ILE B 91 17.06 -8.27 -51.56
CA ILE B 91 17.63 -8.25 -50.25
C ILE B 91 16.50 -8.65 -49.30
N TYR B 92 16.81 -9.54 -48.33
CA TYR B 92 15.82 -10.10 -47.44
C TYR B 92 16.21 -9.84 -45.97
N LEU B 93 15.29 -9.25 -45.23
CA LEU B 93 15.44 -8.92 -43.82
C LEU B 93 14.52 -9.81 -43.03
N MET B 94 15.15 -10.57 -42.10
CA MET B 94 14.42 -11.42 -41.20
C MET B 94 14.07 -10.68 -39.91
N LEU B 95 12.79 -10.42 -39.73
CA LEU B 95 12.30 -9.51 -38.70
C LEU B 95 11.38 -10.22 -37.73
N GLU B 96 11.35 -9.73 -36.52
CA GLU B 96 10.37 -10.13 -35.51
C GLU B 96 8.96 -9.88 -36.01
N PHE B 97 8.06 -10.86 -35.91
CA PHE B 97 6.64 -10.63 -36.18
C PHE B 97 5.97 -10.04 -34.91
N ALA B 98 5.25 -8.94 -35.13
CA ALA B 98 4.47 -8.23 -34.10
C ALA B 98 3.00 -8.53 -34.22
N PRO B 99 2.56 -9.53 -33.50
CA PRO B 99 1.21 -10.11 -33.85
C PRO B 99 0.00 -9.15 -33.71
N ARG B 100 0.12 -8.15 -32.86
CA ARG B 100 -0.96 -7.19 -32.69
C ARG B 100 -0.88 -6.01 -33.69
N GLY B 101 0.16 -5.96 -34.56
CA GLY B 101 0.21 -5.03 -35.65
C GLY B 101 0.47 -3.59 -35.33
N GLU B 102 -0.11 -2.71 -36.16
CA GLU B 102 0.20 -1.28 -36.12
C GLU B 102 -0.42 -0.54 -34.95
N LEU B 103 0.43 0.14 -34.16
CA LEU B 103 -0.12 0.89 -33.03
C LEU B 103 -1.00 2.06 -33.56
N TYR B 104 -0.69 2.63 -34.72
CA TYR B 104 -1.47 3.83 -35.15
C TYR B 104 -2.93 3.44 -35.49
N LYS B 105 -3.13 2.20 -35.95
CA LYS B 105 -4.50 1.74 -36.24
C LYS B 105 -5.29 1.52 -34.94
N GLU B 106 -4.63 1.06 -33.89
CA GLU B 106 -5.22 0.90 -32.59
C GLU B 106 -5.66 2.24 -31.99
N LEU B 107 -4.78 3.24 -32.14
CA LEU B 107 -5.08 4.61 -31.65
C LEU B 107 -6.28 5.19 -32.39
N GLN B 108 -6.34 5.00 -33.69
CA GLN B 108 -7.51 5.55 -34.43
C GLN B 108 -8.79 4.85 -34.03
N LYS B 109 -8.71 3.55 -33.82
CA LYS B 109 -9.89 2.76 -33.39
C LYS B 109 -10.39 3.22 -32.04
N HIS B 110 -9.51 3.41 -31.07
CA HIS B 110 -9.90 3.82 -29.72
C HIS B 110 -10.16 5.32 -29.55
N GLY B 111 -9.64 6.10 -30.47
CA GLY B 111 -9.71 7.57 -30.33
C GLY B 111 -8.56 8.18 -29.51
N ARG B 112 -8.38 7.63 -28.33
N ARG B 112 -8.55 7.92 -28.22
CA ARG B 112 -7.39 8.08 -27.36
CA ARG B 112 -7.34 8.07 -27.40
C ARG B 112 -7.23 6.95 -26.33
C ARG B 112 -7.13 6.81 -26.61
N PHE B 113 -5.98 6.71 -25.93
CA PHE B 113 -5.70 5.64 -24.98
C PHE B 113 -5.91 6.13 -23.61
N ASP B 114 -6.26 5.20 -22.70
CA ASP B 114 -6.34 5.47 -21.35
C ASP B 114 -5.01 5.64 -20.67
N GLU B 115 -5.02 6.05 -19.41
CA GLU B 115 -3.77 6.36 -18.67
C GLU B 115 -2.87 5.15 -18.50
N GLN B 116 -3.45 4.01 -18.24
CA GLN B 116 -2.62 2.81 -18.03
C GLN B 116 -1.99 2.39 -19.35
N ARG B 117 -2.73 2.27 -20.42
CA ARG B 117 -2.15 1.96 -21.68
C ARG B 117 -1.01 2.92 -22.06
N SER B 118 -1.31 4.19 -21.89
CA SER B 118 -0.32 5.22 -22.29
C SER B 118 0.95 5.21 -21.46
N ALA B 119 0.80 5.10 -20.12
CA ALA B 119 1.93 5.01 -19.23
C ALA B 119 2.79 3.76 -19.48
N THR B 120 2.12 2.65 -19.76
CA THR B 120 2.84 1.39 -20.16
C THR B 120 3.73 1.63 -21.34
N PHE B 121 3.09 2.16 -22.37
CA PHE B 121 3.83 2.47 -23.60
C PHE B 121 4.99 3.40 -23.32
N MET B 122 4.80 4.44 -22.48
CA MET B 122 5.85 5.40 -22.21
C MET B 122 7.07 4.75 -21.50
N GLU B 123 6.80 3.87 -20.52
CA GLU B 123 7.86 3.22 -19.87
C GLU B 123 8.67 2.33 -20.88
N GLU B 124 7.92 1.56 -21.68
CA GLU B 124 8.56 0.71 -22.71
C GLU B 124 9.43 1.58 -23.70
N LEU B 125 8.83 2.71 -24.19
CA LEU B 125 9.53 3.61 -25.05
C LEU B 125 10.78 4.13 -24.43
N ALA B 126 10.66 4.67 -23.22
CA ALA B 126 11.79 5.26 -22.57
C ALA B 126 12.94 4.27 -22.35
N ASP B 127 12.53 3.03 -21.98
CA ASP B 127 13.62 2.00 -21.75
C ASP B 127 14.29 1.68 -23.09
N ALA B 128 13.53 1.49 -24.19
CA ALA B 128 14.11 1.22 -25.50
C ALA B 128 15.00 2.36 -25.93
N LEU B 129 14.54 3.61 -25.81
CA LEU B 129 15.34 4.75 -26.22
C LEU B 129 16.60 4.95 -25.43
N HIS B 130 16.53 4.62 -24.15
CA HIS B 130 17.72 4.68 -23.29
C HIS B 130 18.73 3.61 -23.77
N TYR B 131 18.24 2.42 -24.14
CA TYR B 131 19.11 1.36 -24.71
C TYR B 131 19.80 1.90 -25.97
N CYS B 132 19.05 2.54 -26.89
CA CYS B 132 19.58 3.18 -28.11
C CYS B 132 20.63 4.24 -27.83
N HIS B 133 20.32 5.17 -26.91
CA HIS B 133 21.26 6.29 -26.65
C HIS B 133 22.55 5.79 -26.03
N GLU B 134 22.48 4.74 -25.25
CA GLU B 134 23.75 4.15 -24.65
C GLU B 134 24.66 3.76 -25.77
N ARG B 135 24.09 3.32 -26.88
CA ARG B 135 24.79 2.85 -28.05
C ARG B 135 25.05 3.95 -29.14
N LYS B 136 24.79 5.16 -28.70
CA LYS B 136 24.90 6.33 -29.53
C LYS B 136 24.03 6.27 -30.74
N VAL B 137 22.91 5.64 -30.65
CA VAL B 137 21.94 5.65 -31.70
C VAL B 137 20.77 6.59 -31.34
N ILE B 138 20.52 7.51 -32.24
CA ILE B 138 19.36 8.45 -32.08
C ILE B 138 18.33 8.01 -33.06
N HIS B 139 17.11 7.98 -32.66
CA HIS B 139 16.01 7.40 -33.51
C HIS B 139 15.54 8.46 -34.51
N ARG B 140 15.18 9.64 -34.05
CA ARG B 140 14.80 10.81 -34.87
C ARG B 140 13.43 10.73 -35.48
N ASP B 141 12.67 9.66 -35.37
CA ASP B 141 11.33 9.67 -35.90
C ASP B 141 10.36 8.87 -35.09
N ILE B 142 10.33 9.10 -33.79
CA ILE B 142 9.35 8.50 -32.96
C ILE B 142 7.98 9.13 -33.20
N LYS B 143 7.03 8.30 -33.51
CA LYS B 143 5.60 8.64 -33.80
C LYS B 143 4.81 7.33 -33.90
N PRO B 144 3.47 7.42 -33.80
CA PRO B 144 2.69 6.19 -33.69
C PRO B 144 2.87 5.26 -34.88
N GLU B 145 2.97 5.78 -36.09
CA GLU B 145 3.12 4.98 -37.32
C GLU B 145 4.40 4.16 -37.37
N ASN B 146 5.37 4.48 -36.50
CA ASN B 146 6.67 3.74 -36.45
C ASN B 146 6.73 2.73 -35.38
N LEU B 147 5.57 2.45 -34.76
CA LEU B 147 5.44 1.56 -33.57
C LEU B 147 4.56 0.43 -33.92
N LEU B 148 4.97 -0.80 -33.49
CA LEU B 148 4.12 -1.99 -33.63
C LEU B 148 3.85 -2.51 -32.19
N MET B 149 3.02 -3.55 -32.08
CA MET B 149 2.64 -4.16 -30.80
C MET B 149 2.87 -5.67 -30.85
N GLY B 150 3.41 -6.13 -29.72
CA GLY B 150 3.71 -7.56 -29.50
C GLY B 150 2.48 -8.34 -29.10
N TYR B 151 2.71 -9.61 -28.80
CA TYR B 151 1.59 -10.52 -28.49
C TYR B 151 0.78 -10.02 -27.27
N LYS B 152 1.43 -9.47 -26.29
CA LYS B 152 0.74 -8.96 -25.09
C LYS B 152 0.58 -7.45 -25.16
N GLY B 153 0.70 -6.92 -26.38
CA GLY B 153 0.52 -5.50 -26.58
C GLY B 153 1.71 -4.64 -26.24
N GLU B 154 2.88 -5.25 -26.00
CA GLU B 154 4.11 -4.51 -25.73
C GLU B 154 4.51 -3.63 -26.91
N LEU B 155 5.02 -2.40 -26.64
CA LEU B 155 5.48 -1.51 -27.69
C LEU B 155 6.68 -2.13 -28.35
N LYS B 156 6.76 -1.97 -29.67
CA LYS B 156 7.98 -2.36 -30.39
C LYS B 156 8.35 -1.18 -31.31
N ILE B 157 9.48 -0.57 -31.09
CA ILE B 157 9.92 0.48 -32.03
C ILE B 157 10.37 -0.26 -33.30
N ALA B 158 9.79 0.06 -34.42
CA ALA B 158 9.87 -0.74 -35.66
C ALA B 158 10.67 -0.19 -36.80
N ASP B 159 10.52 1.08 -37.05
CA ASP B 159 11.08 1.77 -38.20
C ASP B 159 12.23 2.64 -37.78
N PHE B 160 13.42 2.33 -38.28
CA PHE B 160 14.65 3.05 -37.99
C PHE B 160 15.15 3.79 -39.25
N GLY B 161 14.26 4.20 -40.11
CA GLY B 161 14.63 4.77 -41.41
C GLY B 161 15.34 6.09 -41.34
N TRP B 162 15.18 6.80 -40.26
CA TRP B 162 15.86 8.10 -40.11
C TRP B 162 16.84 8.04 -38.92
N SER B 163 17.13 6.89 -38.37
CA SER B 163 18.01 6.76 -37.25
C SER B 163 19.45 6.89 -37.66
N VAL B 164 20.28 7.22 -36.68
CA VAL B 164 21.72 7.47 -36.97
C VAL B 164 22.55 7.02 -35.81
N HIS B 165 23.73 6.43 -36.11
CA HIS B 165 24.73 6.21 -35.16
C HIS B 165 25.70 7.38 -35.12
N ALA B 166 25.63 8.09 -34.01
CA ALA B 166 26.25 9.41 -33.87
C ALA B 166 27.22 9.40 -32.68
N PRO B 167 28.45 8.88 -32.87
CA PRO B 167 29.38 8.85 -31.76
C PRO B 167 29.62 10.19 -31.10
N SER B 168 29.54 11.31 -31.81
CA SER B 168 29.60 12.67 -31.18
C SER B 168 28.28 13.26 -30.66
N LEU B 169 27.20 12.59 -31.03
CA LEU B 169 25.86 13.00 -30.69
C LEU B 169 25.59 14.40 -31.16
N ARG B 170 26.07 14.76 -32.33
CA ARG B 170 25.82 16.09 -32.97
C ARG B 170 25.56 15.86 -34.48
N ARG B 171 24.30 16.12 -34.94
CA ARG B 171 23.94 15.89 -36.30
C ARG B 171 23.23 17.12 -36.86
N ARG B 172 23.17 17.20 -38.19
CA ARG B 172 22.46 18.31 -38.86
C ARG B 172 21.38 17.94 -39.88
N MET B 174 17.96 17.38 -41.52
CA MET B 174 16.56 17.65 -41.27
C MET B 174 15.75 16.39 -41.57
N CYS B 175 15.13 15.86 -40.55
CA CYS B 175 14.38 14.61 -40.70
C CYS B 175 13.34 14.55 -39.57
N GLY B 176 12.38 13.71 -39.80
CA GLY B 176 11.33 13.44 -38.83
C GLY B 176 10.02 13.61 -39.52
N THR B 177 9.02 13.95 -38.71
CA THR B 177 7.64 14.08 -39.19
C THR B 177 7.12 15.44 -38.68
N LEU B 178 6.48 16.27 -39.52
CA LEU B 178 6.17 17.67 -39.22
C LEU B 178 5.61 17.92 -37.79
N ASP B 179 4.54 17.19 -37.43
CA ASP B 179 3.88 17.47 -36.14
C ASP B 179 4.79 17.12 -34.96
N TYR B 180 5.79 16.31 -35.17
CA TYR B 180 6.64 15.77 -34.10
C TYR B 180 7.98 16.46 -34.01
N LEU B 181 8.27 17.35 -34.92
CA LEU B 181 9.63 17.91 -35.04
C LEU B 181 9.97 18.73 -33.83
N PRO B 182 11.11 18.45 -33.21
CA PRO B 182 11.59 19.37 -32.19
C PRO B 182 11.86 20.77 -32.70
N PRO B 183 11.90 21.77 -31.84
CA PRO B 183 12.19 23.13 -32.34
C PRO B 183 13.58 23.23 -33.01
N GLU B 184 14.59 22.53 -32.49
CA GLU B 184 15.92 22.61 -33.10
C GLU B 184 15.93 21.99 -34.45
N MET B 185 15.11 21.00 -34.72
CA MET B 185 15.04 20.42 -36.07
C MET B 185 14.34 21.32 -37.02
N ILE B 186 13.17 21.84 -36.66
CA ILE B 186 12.46 22.78 -37.54
C ILE B 186 13.22 24.07 -37.83
N GLU B 187 14.08 24.53 -36.90
CA GLU B 187 14.87 25.75 -37.00
C GLU B 187 16.24 25.49 -37.68
N GLY B 188 16.55 24.27 -38.03
CA GLY B 188 17.81 23.94 -38.77
C GLY B 188 19.08 24.08 -37.96
N LYS B 189 19.02 23.79 -36.66
CA LYS B 189 20.13 23.87 -35.75
C LYS B 189 20.80 22.48 -35.63
N THR B 190 22.03 22.41 -35.11
CA THR B 190 22.65 21.13 -34.80
C THR B 190 21.76 20.54 -33.69
N HIS B 191 21.44 19.27 -33.90
CA HIS B 191 20.65 18.45 -32.92
C HIS B 191 21.48 17.36 -32.32
N ASP B 192 20.99 16.76 -31.20
CA ASP B 192 21.58 15.66 -30.45
C ASP B 192 20.48 14.65 -30.09
N GLU B 193 20.78 13.72 -29.18
CA GLU B 193 19.87 12.66 -28.83
C GLU B 193 18.63 13.20 -28.16
N LYS B 194 18.65 14.45 -27.68
CA LYS B 194 17.52 14.96 -26.93
C LYS B 194 16.33 15.25 -27.89
N VAL B 195 16.51 15.15 -29.21
CA VAL B 195 15.38 15.12 -30.11
C VAL B 195 14.40 14.03 -29.76
N ASP B 196 14.90 12.87 -29.30
CA ASP B 196 14.00 11.79 -29.01
C ASP B 196 13.23 12.00 -27.71
N LEU B 197 13.73 12.84 -26.82
CA LEU B 197 13.01 13.21 -25.60
C LEU B 197 11.81 14.10 -25.94
N TRP B 198 12.00 15.07 -26.83
CA TRP B 198 10.89 15.83 -27.33
C TRP B 198 9.84 14.98 -27.98
N CYS B 199 10.28 14.14 -28.93
CA CYS B 199 9.31 13.33 -29.63
C CYS B 199 8.52 12.38 -28.72
N ALA B 200 9.19 11.88 -27.69
CA ALA B 200 8.52 11.12 -26.62
C ALA B 200 7.38 11.91 -25.97
N GLY B 201 7.61 13.17 -25.70
CA GLY B 201 6.61 14.03 -25.18
C GLY B 201 5.41 14.24 -26.08
N VAL B 202 5.70 14.46 -27.37
CA VAL B 202 4.65 14.61 -28.37
C VAL B 202 3.84 13.31 -28.43
N LEU B 203 4.55 12.16 -28.41
CA LEU B 203 3.88 10.86 -28.48
C LEU B 203 2.94 10.62 -27.25
N CYS B 204 3.43 11.00 -26.07
CA CYS B 204 2.60 10.87 -24.82
C CYS B 204 1.32 11.66 -24.97
N TYR B 205 1.47 12.90 -25.46
CA TYR B 205 0.30 13.75 -25.69
C TYR B 205 -0.66 13.11 -26.68
N GLU B 206 -0.14 12.66 -27.86
CA GLU B 206 -1.06 12.09 -28.89
C GLU B 206 -1.76 10.84 -28.33
N PHE B 207 -1.00 10.00 -27.61
CA PHE B 207 -1.62 8.80 -27.05
C PHE B 207 -2.81 9.18 -26.13
N LEU B 208 -2.66 10.17 -25.30
CA LEU B 208 -3.68 10.54 -24.31
C LEU B 208 -4.77 11.47 -24.88
N VAL B 209 -4.45 12.24 -25.94
CA VAL B 209 -5.36 13.22 -26.41
C VAL B 209 -6.03 12.77 -27.68
N GLY B 210 -5.31 12.06 -28.56
CA GLY B 210 -5.85 11.57 -29.80
C GLY B 210 -5.46 12.38 -31.03
N MET B 211 -4.73 13.47 -30.85
CA MET B 211 -4.19 14.30 -31.92
C MET B 211 -2.85 14.87 -31.39
N PRO B 212 -1.91 15.21 -32.27
CA PRO B 212 -0.69 15.86 -31.84
C PRO B 212 -0.94 17.26 -31.31
N PRO B 213 -0.05 17.72 -30.45
CA PRO B 213 -0.33 18.95 -29.67
C PRO B 213 -0.27 20.25 -30.50
N PHE B 214 0.42 20.31 -31.65
CA PHE B 214 0.64 21.56 -32.41
C PHE B 214 -0.12 21.51 -33.74
N ASP B 215 -1.04 20.54 -33.91
CA ASP B 215 -1.93 20.39 -35.12
C ASP B 215 -2.56 21.74 -35.46
N SER B 216 -2.44 22.15 -36.72
CA SER B 216 -2.99 23.43 -37.20
C SER B 216 -3.39 23.31 -38.62
N PRO B 217 -4.18 24.28 -39.10
CA PRO B 217 -4.57 24.21 -40.53
C PRO B 217 -3.47 24.61 -41.48
N SER B 218 -2.53 25.45 -41.06
N SER B 218 -2.49 25.38 -41.04
CA SER B 218 -1.41 25.82 -41.90
CA SER B 218 -1.44 25.83 -41.90
C SER B 218 -0.13 25.27 -41.33
C SER B 218 -0.10 25.44 -41.31
N HIS B 219 0.87 25.20 -42.21
CA HIS B 219 2.23 24.96 -41.81
C HIS B 219 2.80 26.08 -40.99
N THR B 220 2.56 27.31 -41.36
CA THR B 220 3.12 28.45 -40.67
C THR B 220 2.71 28.42 -39.19
N GLU B 221 1.44 28.08 -38.94
CA GLU B 221 0.92 28.03 -37.59
C GLU B 221 1.52 26.81 -36.85
N THR B 222 1.62 25.65 -37.48
CA THR B 222 2.27 24.52 -36.76
C THR B 222 3.68 24.91 -36.34
N HIS B 223 4.48 25.47 -37.26
CA HIS B 223 5.80 25.88 -37.01
C HIS B 223 5.83 26.84 -35.82
N ARG B 224 4.98 27.90 -35.88
CA ARG B 224 4.87 28.84 -34.73
C ARG B 224 4.60 28.10 -33.42
N ARG B 225 3.64 27.18 -33.42
CA ARG B 225 3.24 26.57 -32.18
C ARG B 225 4.39 25.70 -31.66
N ILE B 226 5.14 25.00 -32.53
CA ILE B 226 6.29 24.19 -32.07
C ILE B 226 7.31 25.10 -31.39
N VAL B 227 7.81 26.11 -32.09
CA VAL B 227 8.94 26.87 -31.58
C VAL B 227 8.56 27.72 -30.40
N ASN B 228 7.31 28.01 -30.22
CA ASN B 228 6.80 28.75 -29.05
C ASN B 228 6.25 27.80 -27.96
N VAL B 229 6.32 26.48 -28.18
CA VAL B 229 5.81 25.47 -27.28
C VAL B 229 4.36 25.83 -26.83
N ASP B 230 3.47 26.02 -27.79
CA ASP B 230 2.13 26.54 -27.54
C ASP B 230 1.18 25.41 -27.19
N LEU B 231 1.36 24.84 -25.99
CA LEU B 231 0.52 23.71 -25.48
C LEU B 231 -0.88 24.13 -25.07
N LYS B 232 -1.89 23.50 -25.57
CA LYS B 232 -3.30 23.77 -25.16
C LYS B 232 -3.82 22.40 -24.66
N PHE B 233 -3.48 22.09 -23.39
CA PHE B 233 -3.87 20.78 -22.80
C PHE B 233 -5.39 20.65 -22.71
N PRO B 234 -6.03 19.59 -23.18
CA PRO B 234 -7.48 19.41 -22.93
C PRO B 234 -7.77 19.25 -21.45
N PRO B 235 -8.97 19.63 -21.06
CA PRO B 235 -9.33 19.50 -19.66
C PRO B 235 -9.51 18.11 -19.14
N PHE B 236 -9.58 17.14 -20.01
CA PHE B 236 -9.74 15.74 -19.60
C PHE B 236 -8.43 15.07 -19.14
N LEU B 237 -7.29 15.71 -19.34
CA LEU B 237 -6.00 15.13 -18.90
C LEU B 237 -5.80 15.28 -17.42
N SER B 238 -5.18 14.25 -16.83
CA SER B 238 -4.78 14.36 -15.46
C SER B 238 -3.63 15.23 -15.18
N ASP B 239 -3.54 15.66 -13.94
CA ASP B 239 -2.41 16.49 -13.56
C ASP B 239 -1.03 15.79 -13.83
N GLY B 240 -0.95 14.51 -13.50
CA GLY B 240 0.27 13.78 -13.69
C GLY B 240 0.76 13.67 -15.15
N SER B 241 -0.21 13.39 -16.01
CA SER B 241 0.17 13.24 -17.43
C SER B 241 0.58 14.64 -17.96
N LYS B 242 -0.08 15.72 -17.57
CA LYS B 242 0.37 17.01 -18.00
C LYS B 242 1.74 17.39 -17.44
N ASP B 243 2.01 16.99 -16.19
CA ASP B 243 3.34 17.19 -15.62
C ASP B 243 4.46 16.53 -16.47
N LEU B 244 4.26 15.23 -16.74
CA LEU B 244 5.23 14.53 -17.58
C LEU B 244 5.45 15.26 -18.95
N ILE B 245 4.34 15.53 -19.68
CA ILE B 245 4.45 16.13 -21.01
C ILE B 245 5.13 17.50 -20.91
N SER B 246 4.77 18.28 -19.93
N SER B 246 4.71 18.28 -19.93
CA SER B 246 5.37 19.62 -19.82
CA SER B 246 5.31 19.62 -19.72
C SER B 246 6.84 19.60 -19.41
C SER B 246 6.83 19.55 -19.52
N LYS B 247 7.30 18.48 -18.87
CA LYS B 247 8.72 18.31 -18.60
C LYS B 247 9.56 17.76 -19.77
N LEU B 248 8.90 17.10 -20.72
CA LEU B 248 9.55 16.61 -21.96
C LEU B 248 9.57 17.68 -23.03
N LEU B 249 8.45 18.40 -23.16
CA LEU B 249 8.30 19.40 -24.28
C LEU B 249 8.93 20.71 -23.87
N ARG B 250 10.25 20.74 -23.70
CA ARG B 250 10.98 22.01 -23.42
C ARG B 250 11.67 22.49 -24.67
N TYR B 251 11.56 23.79 -24.91
CA TYR B 251 12.31 24.33 -26.06
C TYR B 251 13.80 24.04 -25.98
N HIS B 252 14.40 24.31 -24.81
CA HIS B 252 15.85 24.23 -24.63
C HIS B 252 16.17 22.76 -24.36
N PRO B 253 16.87 22.06 -25.29
CA PRO B 253 17.04 20.64 -25.14
C PRO B 253 17.56 20.10 -23.81
N PRO B 254 18.59 20.77 -23.20
CA PRO B 254 19.08 20.18 -21.96
C PRO B 254 18.11 20.26 -20.80
N GLN B 255 17.05 21.02 -20.91
CA GLN B 255 16.00 21.02 -19.82
C GLN B 255 15.09 19.86 -19.87
N ARG B 256 15.07 19.16 -20.97
CA ARG B 256 14.12 18.01 -21.09
C ARG B 256 14.35 16.90 -20.05
N LEU B 257 13.27 16.35 -19.53
CA LEU B 257 13.36 15.25 -18.55
C LEU B 257 14.13 14.10 -19.17
N PRO B 258 15.19 13.61 -18.50
CA PRO B 258 15.84 12.42 -19.05
C PRO B 258 15.00 11.18 -19.11
N LEU B 259 15.34 10.23 -19.94
CA LEU B 259 14.61 8.93 -20.05
C LEU B 259 14.47 8.18 -18.73
N LYS B 260 15.54 8.17 -17.94
CA LYS B 260 15.43 7.55 -16.62
C LYS B 260 14.39 8.28 -15.78
N GLY B 261 14.29 9.60 -15.97
CA GLY B 261 13.34 10.47 -15.30
C GLY B 261 11.93 10.11 -15.74
N VAL B 262 11.75 9.77 -16.99
CA VAL B 262 10.48 9.30 -17.45
C VAL B 262 10.05 7.98 -16.74
N MET B 263 10.98 7.04 -16.78
CA MET B 263 10.64 5.68 -16.18
C MET B 263 10.35 5.80 -14.72
N GLU B 264 10.93 6.77 -14.02
CA GLU B 264 10.68 7.03 -12.57
C GLU B 264 9.60 8.06 -12.27
N HIS B 265 8.97 8.61 -13.29
CA HIS B 265 8.01 9.72 -13.07
C HIS B 265 6.81 9.16 -12.33
N PRO B 266 6.34 9.85 -11.29
CA PRO B 266 5.26 9.25 -10.53
C PRO B 266 4.04 8.79 -11.29
N TRP B 267 3.67 9.51 -12.38
CA TRP B 267 2.53 9.10 -13.19
C TRP B 267 2.79 7.75 -13.89
N VAL B 268 3.99 7.59 -14.43
CA VAL B 268 4.38 6.35 -15.07
C VAL B 268 4.40 5.19 -14.08
N LYS B 269 5.02 5.46 -12.94
CA LYS B 269 5.09 4.37 -11.89
C LYS B 269 3.69 3.98 -11.43
N ALA B 270 2.79 4.95 -11.29
CA ALA B 270 1.47 4.63 -10.79
C ALA B 270 0.63 3.90 -11.75
N ASN B 271 0.78 4.19 -13.05
CA ASN B 271 -0.11 3.71 -14.08
C ASN B 271 0.37 2.63 -15.04
N SER B 272 1.69 2.47 -15.14
CA SER B 272 2.28 1.45 -16.00
C SER B 272 1.93 0.05 -15.54
N ARG B 273 1.61 -0.78 -16.48
CA ARG B 273 1.31 -2.26 -16.27
C ARG B 273 2.17 -3.06 -17.23
N ARG B 274 3.43 -2.61 -17.36
CA ARG B 274 4.35 -3.28 -18.26
C ARG B 274 4.61 -4.75 -17.84
N VAL B 275 4.65 -5.59 -18.83
N VAL B 275 4.66 -5.60 -18.85
CA VAL B 275 5.07 -6.96 -18.64
CA VAL B 275 4.95 -7.05 -18.69
C VAL B 275 6.26 -7.20 -19.54
C VAL B 275 6.14 -7.38 -19.61
N LEU B 276 7.19 -8.01 -19.03
CA LEU B 276 8.37 -8.42 -19.83
C LEU B 276 8.07 -9.71 -20.50
N PRO B 277 8.48 -9.91 -21.73
CA PRO B 277 8.17 -11.17 -22.37
C PRO B 277 8.82 -12.34 -21.57
N PRO B 278 8.21 -13.54 -21.57
CA PRO B 278 8.76 -14.71 -20.93
C PRO B 278 10.16 -14.97 -21.42
N VAL B 279 11.04 -15.60 -20.63
CA VAL B 279 10.87 -16.88 -19.85
C VAL B 279 11.22 -18.04 -20.85
N TYR B 280 10.58 -19.22 -20.82
CA TYR B 280 11.27 -20.54 -21.18
C TYR B 280 10.47 -21.87 -20.92
N GLN B 281 10.99 -23.05 -21.32
CA GLN B 281 12.40 -23.44 -21.09
C GLN B 281 13.22 -24.27 -22.14
N PRO C 1 -4.26 -21.79 -51.64
CA PRO C 1 -4.50 -20.50 -51.04
C PRO C 1 -3.56 -20.31 -49.82
N ILE C 2 -4.08 -19.94 -48.66
CA ILE C 2 -3.25 -19.67 -47.48
C ILE C 2 -2.75 -21.00 -46.92
N PRO C 3 -1.43 -21.18 -46.73
CA PRO C 3 -0.97 -22.46 -46.14
C PRO C 3 -1.57 -22.68 -44.75
N ALA C 4 -1.81 -23.93 -44.33
CA ALA C 4 -2.48 -24.15 -43.06
C ALA C 4 -1.85 -23.49 -41.88
N TRP C 5 -0.54 -23.45 -41.86
CA TRP C 5 0.13 -22.92 -40.69
C TRP C 5 -0.16 -21.48 -40.50
N ALA C 6 -0.49 -20.80 -41.59
CA ALA C 6 -0.76 -19.37 -41.57
C ALA C 6 -2.27 -19.07 -41.45
N SER C 7 -3.14 -20.13 -41.40
CA SER C 7 -4.59 -19.94 -41.24
C SER C 7 -4.86 -19.41 -39.88
N GLY C 8 -5.76 -18.43 -39.77
CA GLY C 8 -5.88 -17.68 -38.55
C GLY C 8 -5.90 -18.50 -37.28
N ASN C 9 -6.74 -19.53 -37.27
CA ASN C 9 -6.82 -20.31 -36.02
C ASN C 9 -5.59 -21.08 -35.70
N LEU C 10 -4.93 -21.64 -36.69
CA LEU C 10 -3.62 -22.35 -36.39
C LEU C 10 -2.51 -21.34 -36.06
N LEU C 11 -2.53 -20.20 -36.74
CA LEU C 11 -1.52 -19.15 -36.52
C LEU C 11 -1.61 -18.62 -35.08
N THR C 12 -2.82 -18.43 -34.57
CA THR C 12 -3.03 -17.83 -33.24
C THR C 12 -2.39 -18.71 -32.17
N GLN C 13 -2.61 -20.03 -32.28
CA GLN C 13 -2.11 -20.98 -31.34
C GLN C 13 -0.61 -21.06 -31.38
N ALA C 14 -0.03 -21.06 -32.59
CA ALA C 14 1.45 -21.11 -32.70
C ALA C 14 2.13 -19.83 -32.20
N ILE C 15 1.50 -18.70 -32.43
CA ILE C 15 2.06 -17.40 -31.95
C ILE C 15 2.09 -17.42 -30.42
N ARG C 16 1.00 -17.84 -29.82
CA ARG C 16 0.87 -17.94 -28.35
C ARG C 16 1.98 -18.82 -27.79
N GLN C 17 2.21 -19.98 -28.38
CA GLN C 17 3.20 -20.98 -27.94
C GLN C 17 4.59 -20.36 -28.07
N GLN C 18 4.73 -19.54 -29.10
CA GLN C 18 6.04 -18.90 -29.36
C GLN C 18 6.36 -17.82 -28.31
N TYR C 19 5.34 -17.14 -27.78
CA TYR C 19 5.46 -16.18 -26.70
C TYR C 19 5.80 -16.86 -25.36
N TYR C 20 5.06 -17.91 -25.03
CA TYR C 20 5.35 -18.61 -23.76
C TYR C 20 6.54 -19.54 -23.72
N LYS C 21 6.94 -20.13 -24.84
CA LYS C 21 8.10 -20.95 -24.97
C LYS C 21 9.06 -20.47 -26.04
N PRO C 22 9.72 -19.34 -25.78
CA PRO C 22 10.62 -18.82 -26.81
C PRO C 22 11.91 -19.70 -26.97
N ILE C 23 12.54 -19.60 -28.13
CA ILE C 23 13.79 -20.27 -28.45
C ILE C 23 14.86 -19.19 -28.32
N ASP C 24 16.13 -19.57 -28.26
CA ASP C 24 17.23 -18.70 -28.15
C ASP C 24 17.50 -18.22 -29.54
N VAL C 25 16.83 -17.11 -29.89
CA VAL C 25 17.07 -16.48 -31.20
C VAL C 25 18.47 -15.96 -31.41
N ASP C 26 19.17 -15.58 -30.33
CA ASP C 26 20.57 -15.15 -30.40
C ASP C 26 21.47 -16.32 -30.86
N ARG C 27 21.18 -17.49 -30.31
CA ARG C 27 21.88 -18.70 -30.70
C ARG C 27 21.49 -19.11 -32.12
N MET C 28 20.19 -19.26 -32.37
CA MET C 28 19.69 -19.87 -33.60
C MET C 28 19.83 -18.97 -34.81
N TYR C 29 19.71 -17.66 -34.62
CA TYR C 29 19.81 -16.69 -35.73
C TYR C 29 20.93 -15.71 -35.67
N GLY C 30 21.23 -15.25 -34.46
CA GLY C 30 22.27 -14.26 -34.27
C GLY C 30 23.68 -14.76 -34.55
N THR C 31 23.90 -16.05 -34.31
CA THR C 31 25.23 -16.67 -34.51
C THR C 31 25.55 -16.94 -35.99
N ILE C 32 24.54 -16.89 -36.85
CA ILE C 32 24.71 -17.31 -38.22
C ILE C 32 25.27 -16.13 -39.01
N ASP C 33 26.17 -16.40 -39.93
CA ASP C 33 26.82 -15.42 -40.79
C ASP C 33 25.79 -14.66 -41.62
N SER C 34 26.18 -13.45 -41.99
CA SER C 34 25.39 -12.52 -42.78
C SER C 34 26.31 -12.07 -43.91
N PRO C 35 25.73 -11.77 -45.06
CA PRO C 35 26.53 -11.16 -46.12
C PRO C 35 27.11 -9.84 -45.64
N LYS C 36 28.33 -9.52 -46.07
CA LYS C 36 28.88 -8.18 -45.79
C LYS C 36 28.03 -7.10 -46.45
N LEU C 37 27.79 -6.00 -45.75
CA LEU C 37 26.98 -4.91 -46.37
C LEU C 37 27.46 -4.37 -47.71
N GLU C 38 28.78 -4.26 -47.92
CA GLU C 38 29.25 -3.82 -49.24
C GLU C 38 28.75 -4.77 -50.31
N GLU C 39 28.56 -6.04 -49.97
CA GLU C 39 28.16 -7.05 -50.99
C GLU C 39 26.73 -6.83 -51.46
N LEU C 40 25.87 -6.23 -50.60
CA LEU C 40 24.46 -5.99 -50.95
C LEU C 40 24.24 -4.89 -52.02
N PHE C 41 25.20 -3.98 -52.25
CA PHE C 41 24.91 -2.64 -52.85
C PHE C 41 25.79 -2.27 -54.02
N ILE D 2 -37.40 8.40 37.27
CA ILE D 2 -36.61 7.55 36.31
C ILE D 2 -37.44 7.31 35.06
N PRO D 3 -37.06 7.93 33.92
CA PRO D 3 -37.88 7.70 32.73
C PRO D 3 -37.90 6.22 32.34
N ALA D 4 -38.84 5.89 31.46
CA ALA D 4 -39.26 4.50 31.24
C ALA D 4 -38.14 3.69 30.63
N TRP D 5 -37.53 4.30 29.59
CA TRP D 5 -36.35 3.74 28.87
C TRP D 5 -35.25 3.26 29.83
N ALA D 6 -35.14 3.86 30.99
CA ALA D 6 -34.02 3.67 31.87
C ALA D 6 -34.18 2.66 32.98
N SER D 7 -35.19 1.81 32.89
CA SER D 7 -35.36 0.74 33.88
C SER D 7 -36.12 -0.43 33.28
N GLY D 8 -36.17 -1.50 34.07
CA GLY D 8 -36.97 -2.66 33.76
C GLY D 8 -36.63 -3.26 32.42
N ASN D 9 -37.66 -3.73 31.73
CA ASN D 9 -37.44 -4.47 30.52
C ASN D 9 -37.15 -3.60 29.33
N LEU D 10 -37.57 -2.34 29.37
CA LEU D 10 -37.27 -1.47 28.26
C LEU D 10 -35.74 -1.28 28.17
N LEU D 11 -35.15 -1.09 29.33
CA LEU D 11 -33.69 -0.98 29.41
C LEU D 11 -33.02 -2.30 28.97
N THR D 12 -33.43 -3.39 29.61
CA THR D 12 -32.88 -4.70 29.26
C THR D 12 -32.90 -4.93 27.73
N GLN D 13 -34.04 -4.70 27.07
CA GLN D 13 -34.11 -4.95 25.64
C GLN D 13 -33.22 -4.07 24.81
N ALA D 14 -33.16 -2.77 25.16
CA ALA D 14 -32.26 -1.89 24.50
C ALA D 14 -30.78 -2.22 24.61
N ILE D 15 -30.42 -2.65 25.83
CA ILE D 15 -29.00 -3.11 26.09
C ILE D 15 -28.67 -4.35 25.23
N ARG D 16 -29.61 -5.30 25.19
CA ARG D 16 -29.39 -6.55 24.42
C ARG D 16 -29.21 -6.15 22.97
N GLN D 17 -30.15 -5.31 22.53
CA GLN D 17 -30.10 -4.85 21.19
C GLN D 17 -28.81 -4.21 20.77
N GLN D 18 -28.32 -3.30 21.65
CA GLN D 18 -27.07 -2.65 21.43
C GLN D 18 -25.82 -3.57 21.44
N TYR D 19 -25.84 -4.62 22.29
CA TYR D 19 -24.78 -5.62 22.34
C TYR D 19 -24.67 -6.36 21.02
N TYR D 20 -25.83 -6.81 20.52
CA TYR D 20 -25.78 -7.55 19.22
C TYR D 20 -25.80 -6.76 17.92
N LYS D 21 -26.10 -5.46 17.98
CA LYS D 21 -25.99 -4.58 16.82
C LYS D 21 -25.17 -3.37 17.24
N PRO D 22 -23.86 -3.58 17.39
CA PRO D 22 -23.02 -2.49 17.87
C PRO D 22 -22.97 -1.39 16.78
N ILE D 23 -22.99 -0.16 17.20
CA ILE D 23 -22.77 0.93 16.20
C ILE D 23 -21.30 1.24 15.99
N ASP D 24 -21.03 2.03 14.94
CA ASP D 24 -19.69 2.42 14.59
C ASP D 24 -19.32 3.60 15.50
N VAL D 25 -18.87 3.33 16.71
CA VAL D 25 -18.63 4.46 17.64
C VAL D 25 -17.39 5.29 17.25
N ASP D 26 -16.44 4.66 16.57
CA ASP D 26 -15.23 5.37 16.10
C ASP D 26 -15.66 6.51 15.15
N ARG D 27 -16.61 6.25 14.25
CA ARG D 27 -17.20 7.30 13.40
C ARG D 27 -18.25 8.20 14.09
N MET D 28 -19.22 7.61 14.78
CA MET D 28 -20.31 8.36 15.35
C MET D 28 -19.84 9.32 16.47
N TYR D 29 -18.78 8.91 17.18
CA TYR D 29 -18.31 9.73 18.29
C TYR D 29 -16.83 10.00 18.13
N GLY D 30 -16.05 9.07 17.62
CA GLY D 30 -14.58 9.23 17.64
C GLY D 30 -14.09 10.17 16.56
N THR D 31 -15.04 10.68 15.79
CA THR D 31 -14.80 11.50 14.60
C THR D 31 -15.20 12.98 14.89
N ILE D 32 -15.97 13.18 15.95
CA ILE D 32 -16.51 14.49 16.33
C ILE D 32 -15.45 15.31 17.11
N ASP D 33 -15.40 16.63 16.92
CA ASP D 33 -14.37 17.41 17.61
C ASP D 33 -14.50 17.31 19.14
N SER D 34 -13.34 17.39 19.80
CA SER D 34 -13.21 17.37 21.26
C SER D 34 -12.59 18.71 21.67
N PRO D 35 -13.02 19.26 22.84
CA PRO D 35 -12.26 20.44 23.31
C PRO D 35 -10.80 20.08 23.57
N LYS D 36 -9.90 21.06 23.41
CA LYS D 36 -8.51 20.79 23.72
C LYS D 36 -8.40 20.58 25.21
N LEU D 37 -7.57 19.65 25.64
CA LEU D 37 -7.49 19.36 27.05
C LEU D 37 -7.03 20.58 27.84
N GLU D 38 -6.09 21.32 27.21
CA GLU D 38 -5.59 22.62 27.69
C GLU D 38 -6.70 23.62 27.98
N GLU D 39 -7.86 23.43 27.34
CA GLU D 39 -8.95 24.42 27.39
C GLU D 39 -10.13 24.00 28.27
N LEU D 40 -10.06 22.83 28.92
CA LEU D 40 -11.24 22.33 29.61
C LEU D 40 -11.62 23.16 30.79
N PHE D 41 -10.67 23.86 31.38
CA PHE D 41 -10.98 24.75 32.49
C PHE D 41 -11.08 26.21 32.13
N ASN D 42 -11.11 26.51 30.82
CA ASN D 42 -11.27 27.87 30.31
C ASN D 42 -12.69 28.08 29.77
N LYS D 43 -12.98 29.24 29.13
CA LYS D 43 -14.37 29.52 28.73
C LYS D 43 -14.80 28.51 27.71
N SER D 44 -16.07 28.15 27.75
CA SER D 44 -16.64 27.36 26.69
C SER D 44 -16.93 28.26 25.45
#